data_9EIF
#
_entry.id   9EIF
#
_cell.length_a   79.024
_cell.length_b   45.246
_cell.length_c   118.218
_cell.angle_alpha   90.00
_cell.angle_beta   91.06
_cell.angle_gamma   90.00
#
_symmetry.space_group_name_H-M   'P 1 21 1'
#
loop_
_entity.id
_entity.type
_entity.pdbx_description
1 polymer 'A broad-substrate spectrum lactate racemase A'
2 non-polymer 3-methanethioyl-1-(5-O-phosphono-beta-D-ribofuranosyl)-5-(sulfanylcarbonyl)pyridin-1-ium
3 non-polymer 'TRIETHYLENE GLYCOL'
4 non-polymer DI(HYDROXYETHYL)ETHER
5 non-polymer DEAMINOHYDROXYVALINE
6 non-polymer 'NICKEL (II) ION'
7 water water
#
_entity_poly.entity_id   1
_entity_poly.type   'polypeptide(L)'
_entity_poly.pdbx_seq_one_letter_code
;RVTLDYGKTGLNVDLPDDRTLPPLTIRPAPPLDDPEAEVVRCLAEPIGSPPLLDLARGKRSACILVCDITRPVPNPVLLR
PILRTLHAAGLATQDILILVATGLHRPSTPAEKVEMLSEEIARTYRVEDHYGTRLEEHTYLGTTPNGVPAWIDSRYVQAD
LKIATGLIEPHLMAGYSGGRKLICPGIAAFETVKLWHGPRFLEHPLADCGFLEGNPVHEENTRIARMAGCDFIVNVTLDG
ARRITSVVAGDMEQAFLKGVAFVETVVKAAVPAPVDVVVTSSAGHPLDLTFYQAVKGLTGALPIVKPGGTIVIAAALAEG
LGSPEFQSLFEEHPTLEGFMEAILKEESFTVDQWQLEELAKVRRKARVKFVSDGVPAAVLSRCHVEPVATVELAVAQALE
QYGPEARVAVIPKGPYVLPVVDPTL
;
_entity_poly.pdbx_strand_id   A,B
#
loop_
_chem_comp.id
_chem_comp.type
_chem_comp.name
_chem_comp.formula
4EY non-polymer 3-methanethioyl-1-(5-O-phosphono-beta-D-ribofuranosyl)-5-(sulfanylcarbonyl)pyridin-1-ium 'C12 H15 N O8 P S2 1'
NI non-polymer 'NICKEL (II) ION' 'Ni 2'
PEG non-polymer DI(HYDROXYETHYL)ETHER 'C4 H10 O3'
PGE non-polymer 'TRIETHYLENE GLYCOL' 'C6 H14 O4'
#
# COMPACT_ATOMS: atom_id res chain seq x y z
N ARG A 1 4.81 -41.95 16.70
CA ARG A 1 5.25 -40.99 15.68
C ARG A 1 4.83 -39.57 16.03
N VAL A 2 5.77 -38.63 15.89
CA VAL A 2 5.49 -37.22 16.12
C VAL A 2 6.29 -36.43 15.09
N THR A 3 5.74 -35.32 14.64
CA THR A 3 6.44 -34.41 13.74
C THR A 3 6.94 -33.23 14.56
N LEU A 4 8.26 -33.12 14.70
CA LEU A 4 8.86 -31.96 15.35
C LEU A 4 8.98 -30.83 14.34
N ASP A 5 8.84 -29.59 14.82
CA ASP A 5 9.15 -28.47 13.96
C ASP A 5 10.63 -28.55 13.58
N TYR A 6 10.94 -28.26 12.32
CA TYR A 6 12.28 -28.46 11.80
C TYR A 6 12.38 -27.76 10.45
N GLY A 7 13.08 -26.63 10.38
CA GLY A 7 13.15 -25.89 9.13
C GLY A 7 11.79 -25.68 8.50
N LYS A 8 11.75 -25.76 7.17
CA LYS A 8 10.51 -25.60 6.43
C LYS A 8 9.69 -26.88 6.29
N THR A 9 10.17 -27.99 6.84
CA THR A 9 9.61 -29.30 6.53
C THR A 9 9.00 -30.03 7.70
N GLY A 10 9.48 -29.77 8.92
CA GLY A 10 9.22 -30.67 10.02
C GLY A 10 10.12 -31.88 9.94
N LEU A 11 10.03 -32.71 10.97
CA LEU A 11 10.89 -33.89 11.12
C LEU A 11 10.08 -35.00 11.75
N ASN A 12 9.95 -36.13 11.06
CA ASN A 12 9.11 -37.24 11.53
C ASN A 12 9.94 -38.17 12.40
N VAL A 13 9.62 -38.18 13.70
CA VAL A 13 10.37 -38.94 14.70
C VAL A 13 9.48 -40.05 15.26
N ASP A 14 10.05 -41.24 15.45
CA ASP A 14 9.37 -42.31 16.16
C ASP A 14 9.95 -42.40 17.57
N LEU A 15 9.09 -42.24 18.59
CA LEU A 15 9.44 -42.23 19.99
C LEU A 15 8.88 -43.49 20.68
N PRO A 16 9.49 -43.95 21.76
CA PRO A 16 9.06 -45.23 22.38
C PRO A 16 7.68 -45.10 23.00
N ASP A 17 6.76 -45.98 22.59
CA ASP A 17 5.36 -45.87 23.02
C ASP A 17 5.23 -45.97 24.53
N ASP A 18 6.02 -46.85 25.15
CA ASP A 18 5.84 -47.13 26.57
C ASP A 18 6.57 -46.14 27.45
N ARG A 19 7.24 -45.15 26.88
CA ARG A 19 8.11 -44.29 27.67
C ARG A 19 7.70 -42.84 27.54
N THR A 20 6.86 -42.51 26.56
CA THR A 20 6.63 -41.14 26.11
C THR A 20 5.27 -40.64 26.53
N LEU A 21 5.26 -39.47 27.19
CA LEU A 21 4.03 -38.80 27.57
C LEU A 21 3.33 -38.24 26.33
N PRO A 22 2.04 -37.93 26.42
CA PRO A 22 1.36 -37.23 25.32
C PRO A 22 2.07 -35.93 25.00
N PRO A 23 2.22 -35.60 23.72
CA PRO A 23 3.00 -34.41 23.36
C PRO A 23 2.44 -33.14 23.96
N LEU A 24 3.34 -32.24 24.34
CA LEU A 24 2.96 -30.94 24.87
C LEU A 24 2.66 -30.01 23.71
N THR A 25 1.42 -29.58 23.60
CA THR A 25 0.97 -28.74 22.50
C THR A 25 0.21 -27.55 23.08
N ILE A 26 0.11 -26.48 22.30
CA ILE A 26 -0.70 -25.37 22.81
C ILE A 26 -2.17 -25.71 22.61
N ARG A 27 -3.00 -25.09 23.47
CA ARG A 27 -4.45 -25.29 23.46
C ARG A 27 -5.03 -24.90 22.10
N PRO A 28 -5.99 -25.66 21.57
CA PRO A 28 -6.56 -25.40 20.22
C PRO A 28 -7.64 -24.33 20.18
N ALA A 29 -7.24 -23.08 20.37
CA ALA A 29 -8.14 -21.94 20.25
C ALA A 29 -8.56 -21.74 18.79
N PRO A 30 -9.75 -21.21 18.54
CA PRO A 30 -10.19 -21.00 17.16
C PRO A 30 -9.37 -19.91 16.47
N PRO A 31 -8.79 -20.22 15.32
CA PRO A 31 -8.25 -19.15 14.47
C PRO A 31 -9.33 -18.15 14.09
N LEU A 32 -8.90 -16.92 13.84
CA LEU A 32 -9.78 -15.95 13.20
C LEU A 32 -10.02 -16.35 11.76
N ASP A 33 -11.29 -16.38 11.35
CA ASP A 33 -11.64 -16.59 9.95
C ASP A 33 -10.97 -15.60 9.02
N ASP A 34 -11.00 -14.32 9.38
CA ASP A 34 -10.54 -13.26 8.49
C ASP A 34 -9.68 -12.31 9.32
N PRO A 35 -8.42 -12.66 9.55
CA PRO A 35 -7.60 -11.84 10.46
C PRO A 35 -7.35 -10.45 9.91
N GLU A 36 -7.26 -10.28 8.59
CA GLU A 36 -7.07 -8.93 8.07
C GLU A 36 -8.30 -8.07 8.33
N ALA A 37 -9.50 -8.64 8.15
CA ALA A 37 -10.73 -7.94 8.51
C ALA A 37 -10.76 -7.60 10.00
N GLU A 38 -10.22 -8.48 10.83
CA GLU A 38 -10.15 -8.21 12.26
C GLU A 38 -9.18 -7.08 12.56
N VAL A 39 -8.02 -7.06 11.89
CA VAL A 39 -7.11 -5.93 12.05
C VAL A 39 -7.80 -4.63 11.71
N VAL A 40 -8.55 -4.61 10.60
CA VAL A 40 -9.31 -3.42 10.22
C VAL A 40 -10.24 -2.99 11.34
N ARG A 41 -10.97 -3.95 11.93
CA ARG A 41 -11.89 -3.60 13.03
C ARG A 41 -11.14 -3.08 14.23
N CYS A 42 -9.97 -3.66 14.54
CA CYS A 42 -9.25 -3.24 15.72
C CYS A 42 -8.62 -1.87 15.53
N LEU A 43 -8.28 -1.51 14.28
CA LEU A 43 -7.76 -0.17 14.03
C LEU A 43 -8.83 0.89 14.25
N ALA A 44 -10.09 0.54 13.98
CA ALA A 44 -11.20 1.46 14.16
C ALA A 44 -11.66 1.52 15.62
N GLU A 45 -11.42 0.45 16.38
CA GLU A 45 -11.90 0.32 17.75
C GLU A 45 -10.81 -0.32 18.58
N PRO A 46 -9.72 0.41 18.83
CA PRO A 46 -8.58 -0.19 19.52
C PRO A 46 -8.67 -0.15 21.03
N ILE A 47 -7.65 -0.70 21.68
CA ILE A 47 -7.55 -0.81 23.13
C ILE A 47 -6.73 0.37 23.64
N GLY A 48 -7.35 1.26 24.44
CA GLY A 48 -6.60 2.30 25.12
C GLY A 48 -5.98 3.37 24.23
N SER A 49 -6.50 3.54 23.02
CA SER A 49 -5.96 4.43 22.00
C SER A 49 -7.14 5.04 21.26
N PRO A 50 -6.97 6.21 20.65
CA PRO A 50 -7.95 6.62 19.65
C PRO A 50 -7.83 5.73 18.43
N PRO A 51 -8.84 5.69 17.57
CA PRO A 51 -8.70 4.99 16.27
C PRO A 51 -7.47 5.47 15.54
N LEU A 52 -6.82 4.55 14.82
CA LEU A 52 -5.59 4.90 14.09
C LEU A 52 -5.83 6.05 13.11
N LEU A 53 -6.99 6.09 12.47
CA LEU A 53 -7.25 7.16 11.51
C LEU A 53 -7.20 8.53 12.19
N ASP A 54 -7.76 8.60 13.40
CA ASP A 54 -7.73 9.85 14.17
C ASP A 54 -6.34 10.17 14.69
N LEU A 55 -5.58 9.14 15.09
CA LEU A 55 -4.20 9.36 15.51
CA LEU A 55 -4.18 9.35 15.50
C LEU A 55 -3.37 9.93 14.37
N ALA A 56 -3.62 9.46 13.14
CA ALA A 56 -2.79 9.80 12.00
C ALA A 56 -3.15 11.16 11.41
N ARG A 57 -4.28 11.74 11.80
CA ARG A 57 -4.69 13.04 11.29
C ARG A 57 -3.61 14.08 11.52
N GLY A 58 -3.22 14.75 10.44
CA GLY A 58 -2.26 15.84 10.55
C GLY A 58 -0.83 15.42 10.79
N LYS A 59 -0.52 14.14 10.73
CA LYS A 59 0.86 13.69 10.90
C LYS A 59 1.57 13.77 9.57
N ARG A 60 2.84 14.21 9.61
CA ARG A 60 3.61 14.41 8.38
C ARG A 60 4.48 13.22 8.01
N SER A 61 4.84 12.38 8.97
CA SER A 61 5.72 11.25 8.70
C SER A 61 5.34 10.11 9.63
N ALA A 62 5.65 8.89 9.21
CA ALA A 62 5.34 7.72 10.04
C ALA A 62 6.49 6.74 9.96
N CYS A 63 6.78 6.06 11.07
CA CYS A 63 7.73 4.96 11.07
C CYS A 63 7.01 3.76 11.63
N ILE A 64 7.01 2.66 10.86
CA ILE A 64 6.36 1.40 11.25
C ILE A 64 7.46 0.38 11.52
N LEU A 65 7.51 -0.10 12.76
CA LEU A 65 8.48 -1.12 13.13
C LEU A 65 7.93 -2.49 12.77
N VAL A 66 8.76 -3.32 12.11
CA VAL A 66 8.40 -4.69 11.81
C VAL A 66 9.51 -5.61 12.31
N CYS A 67 9.15 -6.83 12.64
CA CYS A 67 10.13 -7.82 13.06
C CYS A 67 10.97 -8.27 11.87
N ASP A 68 12.17 -8.79 12.17
CA ASP A 68 13.02 -9.30 11.12
C ASP A 68 12.64 -10.76 10.81
N ILE A 69 13.52 -11.47 10.08
CA ILE A 69 13.14 -12.77 9.53
C ILE A 69 12.87 -13.80 10.63
N THR A 70 13.49 -13.65 11.79
CA THR A 70 13.44 -14.64 12.86
C THR A 70 12.05 -14.75 13.49
N ARG A 71 11.14 -13.82 13.21
CA ARG A 71 9.78 -13.89 13.72
C ARG A 71 8.84 -14.13 12.56
N PRO A 72 8.03 -15.17 12.59
CA PRO A 72 7.09 -15.45 11.50
C PRO A 72 5.82 -14.60 11.55
N VAL A 73 5.98 -13.30 11.71
CA VAL A 73 4.82 -12.41 11.67
C VAL A 73 4.21 -12.43 10.27
N PRO A 74 2.90 -12.62 10.14
CA PRO A 74 2.25 -12.46 8.82
C PRO A 74 2.06 -10.98 8.50
N ASN A 75 3.19 -10.32 8.24
CA ASN A 75 3.18 -8.86 8.19
C ASN A 75 2.18 -8.27 7.23
N PRO A 76 1.97 -8.79 6.02
CA PRO A 76 1.00 -8.14 5.14
C PRO A 76 -0.41 -8.05 5.70
N VAL A 77 -0.83 -9.04 6.50
CA VAL A 77 -2.14 -9.00 7.14
C VAL A 77 -2.25 -7.81 8.09
N LEU A 78 -1.16 -7.49 8.78
CA LEU A 78 -1.17 -6.35 9.69
C LEU A 78 -0.95 -5.03 8.94
N LEU A 79 -0.08 -5.06 7.93
CA LEU A 79 0.40 -3.82 7.33
C LEU A 79 -0.58 -3.26 6.31
N ARG A 80 -1.24 -4.12 5.52
CA ARG A 80 -2.14 -3.56 4.52
C ARG A 80 -3.21 -2.68 5.17
N PRO A 81 -3.87 -3.08 6.25
CA PRO A 81 -4.82 -2.15 6.92
C PRO A 81 -4.14 -0.90 7.46
N ILE A 82 -2.96 -1.04 8.09
CA ILE A 82 -2.27 0.14 8.61
C ILE A 82 -1.98 1.11 7.49
N LEU A 83 -1.41 0.60 6.40
CA LEU A 83 -0.98 1.43 5.29
C LEU A 83 -2.16 2.08 4.58
N ARG A 84 -3.28 1.36 4.47
CA ARG A 84 -4.50 1.97 3.93
C ARG A 84 -4.96 3.12 4.80
N THR A 85 -4.95 2.93 6.12
CA THR A 85 -5.40 3.98 7.02
C THR A 85 -4.48 5.20 6.94
N LEU A 86 -3.16 4.96 6.85
CA LEU A 86 -2.23 6.09 6.77
C LEU A 86 -2.43 6.85 5.47
N HIS A 87 -2.66 6.14 4.37
CA HIS A 87 -2.92 6.80 3.10
C HIS A 87 -4.21 7.62 3.18
N ALA A 88 -5.25 7.05 3.79
CA ALA A 88 -6.52 7.78 3.98
C ALA A 88 -6.29 9.03 4.79
N ALA A 89 -5.40 8.95 5.78
CA ALA A 89 -5.15 10.08 6.66
C ALA A 89 -4.36 11.19 5.97
N GLY A 90 -3.82 10.91 4.79
CA GLY A 90 -3.13 11.93 4.04
C GLY A 90 -1.63 11.78 3.96
N LEU A 91 -1.06 10.72 4.53
CA LEU A 91 0.38 10.49 4.45
C LEU A 91 0.69 9.85 3.11
N ALA A 92 1.68 10.41 2.40
CA ALA A 92 2.08 9.81 1.13
C ALA A 92 3.06 8.67 1.39
N THR A 93 3.17 7.77 0.41
CA THR A 93 4.02 6.60 0.62
C THR A 93 5.45 7.02 0.93
N GLN A 94 5.91 8.12 0.34
CA GLN A 94 7.26 8.61 0.62
C GLN A 94 7.41 9.12 2.04
N ASP A 95 6.31 9.40 2.73
CA ASP A 95 6.31 9.87 4.11
C ASP A 95 6.37 8.74 5.13
N ILE A 96 6.38 7.49 4.66
CA ILE A 96 6.25 6.33 5.53
C ILE A 96 7.51 5.49 5.45
N LEU A 97 8.13 5.21 6.59
CA LEU A 97 9.28 4.31 6.62
C LEU A 97 8.87 3.01 7.31
N ILE A 98 9.16 1.88 6.68
CA ILE A 98 9.08 0.58 7.36
C ILE A 98 10.49 0.25 7.85
N LEU A 99 10.66 0.16 9.17
CA LEU A 99 11.99 -0.01 9.76
C LEU A 99 12.06 -1.42 10.35
N VAL A 100 13.01 -2.22 9.88
CA VAL A 100 13.15 -3.60 10.36
C VAL A 100 13.86 -3.57 11.72
N ALA A 101 13.14 -3.99 12.76
CA ALA A 101 13.61 -3.95 14.15
C ALA A 101 14.48 -5.17 14.42
N THR A 102 15.69 -5.12 13.89
CA THR A 102 16.65 -6.22 14.01
C THR A 102 17.18 -6.43 15.43
N GLY A 103 17.04 -5.45 16.33
CA GLY A 103 17.80 -5.53 17.58
C GLY A 103 19.27 -5.45 17.23
N LEU A 104 20.05 -6.42 17.70
CA LEU A 104 21.46 -6.59 17.32
C LEU A 104 21.67 -7.66 16.26
N HIS A 105 20.60 -8.18 15.66
CA HIS A 105 20.76 -9.11 14.55
C HIS A 105 21.32 -8.39 13.31
N ARG A 106 21.89 -9.20 12.41
CA ARG A 106 22.28 -8.74 11.08
C ARG A 106 21.09 -8.13 10.35
N PRO A 107 21.35 -7.30 9.34
CA PRO A 107 20.24 -6.73 8.58
C PRO A 107 19.52 -7.81 7.76
N SER A 108 18.24 -7.55 7.49
CA SER A 108 17.50 -8.40 6.59
C SER A 108 18.03 -8.23 5.16
N THR A 109 17.96 -9.31 4.39
CA THR A 109 18.34 -9.23 2.99
C THR A 109 17.18 -8.73 2.13
N PRO A 110 17.46 -8.31 0.89
CA PRO A 110 16.35 -7.99 -0.03
C PRO A 110 15.34 -9.14 -0.16
N ALA A 111 15.81 -10.38 -0.26
CA ALA A 111 14.87 -11.49 -0.40
C ALA A 111 14.04 -11.66 0.88
N GLU A 112 14.66 -11.46 2.03
CA GLU A 112 13.93 -11.59 3.28
C GLU A 112 12.86 -10.53 3.40
N LYS A 113 13.15 -9.30 2.96
CA LYS A 113 12.12 -8.26 3.02
C LYS A 113 10.91 -8.66 2.20
N VAL A 114 11.12 -9.31 1.06
CA VAL A 114 10.00 -9.80 0.27
C VAL A 114 9.27 -10.93 1.00
N GLU A 115 10.02 -11.89 1.55
CA GLU A 115 9.42 -12.96 2.34
C GLU A 115 8.62 -12.40 3.52
N MET A 116 9.17 -11.39 4.21
CA MET A 116 8.49 -10.81 5.36
C MET A 116 7.28 -9.95 5.00
N LEU A 117 7.38 -9.11 3.97
CA LEU A 117 6.40 -8.04 3.81
C LEU A 117 5.53 -8.14 2.56
N SER A 118 5.78 -9.09 1.68
CA SER A 118 5.19 -9.26 0.35
C SER A 118 5.94 -8.40 -0.67
N GLU A 119 5.99 -8.88 -1.91
CA GLU A 119 6.66 -8.13 -2.97
C GLU A 119 6.07 -6.74 -3.13
N GLU A 120 4.74 -6.63 -3.08
CA GLU A 120 4.11 -5.33 -3.32
C GLU A 120 4.56 -4.30 -2.30
N ILE A 121 4.60 -4.66 -1.01
CA ILE A 121 4.98 -3.68 0.00
C ILE A 121 6.48 -3.40 -0.07
N ALA A 122 7.29 -4.45 -0.19
CA ALA A 122 8.74 -4.27 -0.24
C ALA A 122 9.17 -3.43 -1.43
N ARG A 123 8.41 -3.47 -2.54
CA ARG A 123 8.75 -2.68 -3.71
C ARG A 123 8.22 -1.25 -3.64
N THR A 124 7.18 -0.98 -2.86
CA THR A 124 6.52 0.32 -2.89
C THR A 124 7.02 1.27 -1.81
N TYR A 125 7.36 0.75 -0.64
CA TYR A 125 7.71 1.57 0.49
C TYR A 125 9.21 1.51 0.74
N ARG A 126 9.74 2.57 1.34
CA ARG A 126 11.11 2.54 1.83
C ARG A 126 11.17 1.56 2.99
N VAL A 127 11.99 0.53 2.86
CA VAL A 127 12.20 -0.46 3.91
C VAL A 127 13.67 -0.42 4.25
N GLU A 128 13.99 -0.09 5.51
CA GLU A 128 15.37 0.02 5.94
C GLU A 128 15.58 -0.85 7.18
N ASP A 129 16.85 -1.15 7.47
CA ASP A 129 17.23 -1.99 8.60
C ASP A 129 17.81 -1.19 9.74
N HIS A 130 17.50 -1.61 10.97
CA HIS A 130 18.18 -1.08 12.14
C HIS A 130 19.57 -1.70 12.24
N TYR A 131 20.56 -0.88 12.63
CA TYR A 131 21.94 -1.32 12.83
C TYR A 131 22.35 -0.98 14.26
N GLY A 132 22.33 -1.97 15.15
CA GLY A 132 22.54 -1.70 16.56
C GLY A 132 23.95 -1.30 16.92
N THR A 133 24.95 -1.67 16.12
CA THR A 133 26.31 -1.25 16.46
C THR A 133 26.65 0.13 15.92
N ARG A 134 25.72 0.80 15.26
CA ARG A 134 25.94 2.16 14.73
C ARG A 134 25.28 3.16 15.68
N LEU A 135 26.03 3.59 16.70
CA LEU A 135 25.46 4.53 17.67
C LEU A 135 25.03 5.82 16.99
N GLU A 136 25.72 6.21 15.91
CA GLU A 136 25.41 7.47 15.24
C GLU A 136 24.02 7.47 14.63
N GLU A 137 23.41 6.30 14.44
CA GLU A 137 22.05 6.23 13.91
C GLU A 137 20.99 6.28 15.01
N HIS A 138 21.39 6.55 16.25
CA HIS A 138 20.50 6.51 17.40
C HIS A 138 20.46 7.86 18.11
N THR A 139 19.36 8.09 18.81
CA THR A 139 19.16 9.29 19.63
C THR A 139 19.10 8.89 21.09
N TYR A 140 19.82 9.62 21.94
CA TYR A 140 19.78 9.41 23.38
C TYR A 140 18.51 10.03 23.99
N LEU A 141 17.78 9.24 24.81
CA LEU A 141 16.51 9.66 25.37
C LEU A 141 16.52 9.79 26.89
N GLY A 142 17.63 9.51 27.55
CA GLY A 142 17.69 9.48 29.00
C GLY A 142 18.28 8.17 29.49
N THR A 143 18.51 8.13 30.80
CA THR A 143 19.04 6.94 31.45
C THR A 143 18.06 6.49 32.53
N THR A 144 17.81 5.18 32.59
CA THR A 144 16.85 4.65 33.55
C THR A 144 17.42 4.69 34.96
N PRO A 145 16.56 4.53 35.98
CA PRO A 145 17.09 4.44 37.35
C PRO A 145 18.05 3.28 37.54
N ASN A 146 17.89 2.21 36.78
CA ASN A 146 18.84 1.10 36.81
C ASN A 146 20.15 1.41 36.10
N GLY A 147 20.29 2.60 35.52
CA GLY A 147 21.54 2.99 34.90
C GLY A 147 21.69 2.63 33.44
N VAL A 148 20.61 2.27 32.74
CA VAL A 148 20.68 1.86 31.35
C VAL A 148 20.39 3.08 30.48
N PRO A 149 21.30 3.49 29.60
CA PRO A 149 21.00 4.61 28.70
C PRO A 149 20.11 4.15 27.57
N ALA A 150 19.18 5.01 27.18
CA ALA A 150 18.21 4.67 26.14
C ALA A 150 18.66 5.33 24.83
N TRP A 151 19.10 4.50 23.89
CA TRP A 151 19.57 4.92 22.57
C TRP A 151 18.70 4.22 21.54
N ILE A 152 17.86 4.99 20.83
CA ILE A 152 16.80 4.45 19.99
C ILE A 152 16.95 5.04 18.60
N ASP A 153 16.69 4.22 17.58
CA ASP A 153 16.91 4.64 16.20
C ASP A 153 16.30 6.00 15.90
N SER A 154 17.11 6.90 15.36
CA SER A 154 16.65 8.29 15.18
C SER A 154 15.54 8.39 14.15
N ARG A 155 15.47 7.46 13.20
CA ARG A 155 14.40 7.52 12.21
C ARG A 155 13.03 7.33 12.86
N TYR A 156 12.97 6.51 13.89
CA TYR A 156 11.75 6.31 14.66
C TYR A 156 11.49 7.48 15.59
N VAL A 157 12.53 7.90 16.32
CA VAL A 157 12.38 8.99 17.30
C VAL A 157 11.87 10.25 16.61
N GLN A 158 12.34 10.51 15.39
CA GLN A 158 11.97 11.75 14.70
C GLN A 158 10.65 11.65 13.92
N ALA A 159 10.06 10.46 13.81
CA ALA A 159 8.81 10.33 13.07
C ALA A 159 7.63 10.94 13.83
N ASP A 160 6.71 11.59 13.10
CA ASP A 160 5.52 12.15 13.73
C ASP A 160 4.64 11.08 14.36
N LEU A 161 4.51 9.95 13.68
CA LEU A 161 3.63 8.86 14.07
C LEU A 161 4.47 7.60 14.19
N LYS A 162 4.42 6.98 15.37
CA LYS A 162 5.22 5.81 15.70
C LYS A 162 4.32 4.60 15.82
N ILE A 163 4.57 3.57 15.02
CA ILE A 163 3.73 2.38 14.97
C ILE A 163 4.64 1.16 15.10
N ALA A 164 4.21 0.15 15.86
CA ALA A 164 4.99 -1.07 15.97
C ALA A 164 4.10 -2.29 15.77
N THR A 165 4.59 -3.27 15.01
CA THR A 165 3.86 -4.50 14.77
C THR A 165 4.66 -5.67 15.32
N GLY A 166 3.99 -6.77 15.63
CA GLY A 166 4.74 -7.91 16.14
C GLY A 166 3.86 -9.07 16.55
N LEU A 167 4.49 -9.96 17.31
CA LEU A 167 4.00 -11.31 17.54
C LEU A 167 4.27 -11.68 18.99
N ILE A 168 3.22 -12.10 19.71
CA ILE A 168 3.33 -12.42 21.13
C ILE A 168 3.58 -13.93 21.26
N GLU A 169 4.81 -14.30 21.62
CA GLU A 169 5.26 -15.66 21.87
C GLU A 169 6.06 -15.63 23.17
N PRO A 170 6.23 -16.78 23.82
CA PRO A 170 7.15 -16.83 24.97
C PRO A 170 8.55 -16.39 24.57
N HIS A 171 9.25 -15.77 25.53
CA HIS A 171 10.61 -15.31 25.29
C HIS A 171 11.47 -15.61 26.50
N LEU A 172 12.68 -16.14 26.26
CA LEU A 172 13.50 -16.67 27.33
C LEU A 172 14.11 -15.61 28.23
N MET A 173 14.05 -14.34 27.85
CA MET A 173 14.55 -13.26 28.69
C MET A 173 13.43 -12.33 29.13
N ALA A 174 12.59 -11.89 28.19
CA ALA A 174 11.61 -10.85 28.45
C ALA A 174 10.24 -11.42 28.79
N GLY A 175 10.13 -12.73 28.96
CA GLY A 175 8.88 -13.35 29.35
C GLY A 175 8.00 -13.65 28.15
N TYR A 176 7.59 -12.59 27.46
CA TYR A 176 6.89 -12.70 26.17
C TYR A 176 7.46 -11.65 25.23
N SER A 177 7.49 -12.01 23.94
CA SER A 177 7.79 -11.07 22.87
CA SER A 177 7.80 -11.04 22.90
C SER A 177 6.58 -10.20 22.57
N GLY A 178 6.82 -9.12 21.82
CA GLY A 178 5.76 -8.22 21.39
C GLY A 178 5.76 -6.89 22.12
N GLY A 179 4.76 -6.08 21.76
CA GLY A 179 4.63 -4.74 22.32
C GLY A 179 5.92 -3.93 22.35
N ARG A 180 6.28 -3.53 23.57
CA ARG A 180 7.46 -2.70 23.83
CA ARG A 180 7.46 -2.71 23.84
C ARG A 180 8.76 -3.27 23.26
N LYS A 181 8.83 -4.58 23.04
CA LYS A 181 10.11 -5.18 22.62
C LYS A 181 10.54 -4.76 21.21
N LEU A 182 9.59 -4.32 20.38
CA LEU A 182 9.94 -3.76 19.08
C LEU A 182 10.81 -2.52 19.20
N ILE A 183 10.67 -1.77 20.29
CA ILE A 183 11.50 -0.59 20.54
C ILE A 183 12.77 -1.00 21.29
N CYS A 184 12.63 -1.64 22.43
CA CYS A 184 13.79 -2.12 23.20
C CYS A 184 13.73 -3.64 23.27
N PRO A 185 14.58 -4.39 22.53
CA PRO A 185 15.80 -3.92 21.83
C PRO A 185 15.64 -3.67 20.34
N GLY A 186 14.43 -3.81 19.80
CA GLY A 186 14.27 -3.91 18.35
C GLY A 186 14.98 -2.80 17.59
N ILE A 187 14.95 -1.58 18.12
CA ILE A 187 15.65 -0.49 17.44
C ILE A 187 16.55 0.24 18.43
N ALA A 188 17.13 -0.51 19.36
CA ALA A 188 18.00 0.07 20.38
C ALA A 188 19.45 -0.24 20.06
N ALA A 189 20.33 0.69 20.46
CA ALA A 189 21.75 0.53 20.18
C ALA A 189 22.39 -0.47 21.14
N PHE A 190 23.52 -1.02 20.70
CA PHE A 190 24.32 -1.88 21.57
C PHE A 190 24.67 -1.18 22.90
N GLU A 191 24.90 0.13 22.87
CA GLU A 191 25.18 0.84 24.12
C GLU A 191 24.05 0.65 25.14
N THR A 192 22.81 0.49 24.67
CA THR A 192 21.67 0.14 25.52
C THR A 192 21.60 -1.37 25.78
N VAL A 193 21.61 -2.16 24.71
CA VAL A 193 21.32 -3.59 24.81
C VAL A 193 22.40 -4.34 25.59
N LYS A 194 23.66 -3.92 25.49
CA LYS A 194 24.70 -4.65 26.22
C LYS A 194 24.43 -4.63 27.72
N LEU A 195 23.84 -3.54 28.23
CA LEU A 195 23.55 -3.49 29.67
C LEU A 195 22.23 -4.18 30.00
N TRP A 196 21.24 -4.03 29.13
CA TRP A 196 19.93 -4.62 29.39
C TRP A 196 19.99 -6.14 29.28
N HIS A 197 20.81 -6.64 28.35
CA HIS A 197 21.12 -8.06 28.23
CA HIS A 197 21.11 -8.06 28.23
C HIS A 197 22.36 -8.46 29.02
N GLY A 198 22.74 -7.68 30.02
CA GLY A 198 23.87 -8.00 30.86
C GLY A 198 23.49 -9.00 31.94
N PRO A 199 24.49 -9.67 32.54
CA PRO A 199 24.20 -10.68 33.57
C PRO A 199 23.40 -10.16 34.76
N ARG A 200 23.48 -8.87 35.09
CA ARG A 200 22.68 -8.38 36.21
C ARG A 200 21.18 -8.54 35.93
N PHE A 201 20.79 -8.50 34.66
CA PHE A 201 19.41 -8.78 34.31
C PHE A 201 19.20 -10.28 34.08
N LEU A 202 20.07 -10.90 33.29
CA LEU A 202 19.80 -12.23 32.76
C LEU A 202 19.93 -13.33 33.80
N GLU A 203 20.65 -13.08 34.90
CA GLU A 203 20.76 -14.09 35.95
C GLU A 203 19.61 -14.02 36.94
N HIS A 204 18.71 -13.04 36.81
CA HIS A 204 17.55 -12.95 37.68
C HIS A 204 16.67 -14.17 37.50
N PRO A 205 16.13 -14.75 38.57
CA PRO A 205 15.32 -15.96 38.42
C PRO A 205 14.05 -15.76 37.61
N LEU A 206 13.52 -14.54 37.50
CA LEU A 206 12.31 -14.29 36.72
C LEU A 206 12.59 -13.78 35.31
N ALA A 207 13.87 -13.71 34.92
CA ALA A 207 14.22 -13.42 33.53
C ALA A 207 14.13 -14.74 32.77
N ASP A 208 12.89 -15.10 32.44
CA ASP A 208 12.58 -16.44 31.92
C ASP A 208 11.23 -16.40 31.24
N CYS A 209 10.96 -17.46 30.47
CA CYS A 209 9.72 -17.55 29.71
CA CYS A 209 9.72 -17.52 29.71
C CYS A 209 8.50 -17.40 30.61
N GLY A 210 7.55 -16.59 30.18
CA GLY A 210 6.27 -16.48 30.85
C GLY A 210 6.17 -15.45 31.94
N PHE A 211 7.29 -14.86 32.39
CA PHE A 211 7.27 -13.91 33.49
C PHE A 211 7.34 -12.47 32.99
N LEU A 212 6.37 -11.65 33.40
CA LEU A 212 6.36 -10.22 33.09
C LEU A 212 6.53 -9.44 34.39
N GLU A 213 5.49 -9.40 35.23
CA GLU A 213 5.62 -8.69 36.51
C GLU A 213 6.70 -9.32 37.37
N GLY A 214 7.62 -8.49 37.87
CA GLY A 214 8.74 -8.95 38.67
C GLY A 214 9.95 -9.41 37.88
N ASN A 215 9.81 -9.51 36.55
CA ASN A 215 10.94 -9.82 35.68
C ASN A 215 11.62 -8.51 35.30
N PRO A 216 12.84 -8.25 35.78
CA PRO A 216 13.46 -6.94 35.52
C PRO A 216 13.70 -6.66 34.05
N VAL A 217 13.84 -7.71 33.24
CA VAL A 217 14.01 -7.54 31.81
C VAL A 217 12.79 -6.83 31.23
N HIS A 218 11.60 -7.32 31.60
CA HIS A 218 10.36 -6.74 31.09
C HIS A 218 10.10 -5.36 31.69
N GLU A 219 10.38 -5.18 32.99
CA GLU A 219 10.16 -3.86 33.58
C GLU A 219 11.04 -2.82 32.89
N GLU A 220 12.28 -3.21 32.56
CA GLU A 220 13.22 -2.28 31.97
C GLU A 220 12.93 -2.00 30.49
N ASN A 221 12.60 -3.02 29.67
CA ASN A 221 12.35 -2.64 28.28
C ASN A 221 10.99 -1.94 28.13
N THR A 222 10.04 -2.17 29.03
CA THR A 222 8.84 -1.33 29.05
C THR A 222 9.20 0.12 29.36
N ARG A 223 10.05 0.34 30.35
CA ARG A 223 10.42 1.70 30.71
C ARG A 223 11.16 2.39 29.56
N ILE A 224 12.10 1.68 28.92
CA ILE A 224 12.85 2.28 27.82
C ILE A 224 11.96 2.55 26.62
N ALA A 225 11.05 1.62 26.30
CA ALA A 225 10.14 1.86 25.18
C ALA A 225 9.28 3.10 25.43
N ARG A 226 8.87 3.32 26.69
CA ARG A 226 8.03 4.47 27.00
C ARG A 226 8.81 5.78 26.92
N MET A 227 10.13 5.74 27.10
CA MET A 227 10.92 6.96 26.86
C MET A 227 10.97 7.35 25.40
N ALA A 228 10.89 6.38 24.49
CA ALA A 228 10.79 6.68 23.06
C ALA A 228 9.37 7.03 22.64
N GLY A 229 8.40 6.35 23.23
CA GLY A 229 7.02 6.44 22.82
C GLY A 229 6.68 5.43 21.74
N CYS A 230 5.39 5.15 21.63
CA CYS A 230 4.85 4.35 20.53
C CYS A 230 3.38 4.72 20.49
N ASP A 231 2.93 5.29 19.39
CA ASP A 231 1.55 5.74 19.30
C ASP A 231 0.57 4.60 19.11
N PHE A 232 0.98 3.49 18.49
CA PHE A 232 0.01 2.45 18.13
C PHE A 232 0.74 1.15 17.86
N ILE A 233 0.26 0.06 18.46
CA ILE A 233 0.76 -1.27 18.09
C ILE A 233 -0.34 -2.11 17.49
N VAL A 234 0.07 -3.09 16.69
CA VAL A 234 -0.77 -4.21 16.28
C VAL A 234 0.04 -5.47 16.54
N ASN A 235 -0.47 -6.37 17.39
CA ASN A 235 0.21 -7.62 17.70
C ASN A 235 -0.74 -8.80 17.45
N VAL A 236 -0.17 -9.95 17.05
CA VAL A 236 -0.96 -11.16 16.89
C VAL A 236 -0.38 -12.29 17.72
N THR A 237 -1.20 -13.33 17.92
CA THR A 237 -0.74 -14.62 18.39
C THR A 237 -0.99 -15.62 17.28
N LEU A 238 -0.14 -16.65 17.20
CA LEU A 238 -0.24 -17.68 16.16
C LEU A 238 -0.38 -19.04 16.80
N ASP A 239 -1.19 -19.92 16.20
CA ASP A 239 -1.23 -21.28 16.72
C ASP A 239 -0.11 -22.11 16.11
N GLY A 240 -0.12 -23.42 16.39
CA GLY A 240 0.98 -24.26 15.94
C GLY A 240 1.12 -24.33 14.43
N ALA A 241 0.02 -24.17 13.70
CA ALA A 241 0.05 -24.16 12.25
C ALA A 241 0.16 -22.74 11.69
N ARG A 242 0.52 -21.77 12.53
CA ARG A 242 0.79 -20.38 12.15
C ARG A 242 -0.47 -19.66 11.68
N ARG A 243 -1.64 -20.05 12.16
CA ARG A 243 -2.85 -19.27 11.94
C ARG A 243 -2.98 -18.23 13.06
N ILE A 244 -3.42 -17.03 12.69
CA ILE A 244 -3.64 -15.98 13.68
C ILE A 244 -4.84 -16.34 14.56
N THR A 245 -4.64 -16.34 15.88
CA THR A 245 -5.71 -16.65 16.83
C THR A 245 -6.19 -15.43 17.60
N SER A 246 -5.46 -14.32 17.55
CA SER A 246 -5.94 -13.11 18.21
C SER A 246 -5.23 -11.93 17.59
N VAL A 247 -5.91 -10.78 17.62
CA VAL A 247 -5.33 -9.51 17.20
C VAL A 247 -5.57 -8.51 18.32
N VAL A 248 -4.52 -7.81 18.73
CA VAL A 248 -4.65 -6.71 19.68
C VAL A 248 -4.05 -5.47 19.03
N ALA A 249 -4.76 -4.36 19.14
CA ALA A 249 -4.27 -3.10 18.60
C ALA A 249 -4.55 -1.98 19.57
N GLY A 250 -3.70 -0.96 19.54
CA GLY A 250 -3.89 0.23 20.36
C GLY A 250 -2.68 0.60 21.20
N ASP A 251 -2.93 0.94 22.48
CA ASP A 251 -1.88 1.35 23.40
C ASP A 251 -0.77 0.30 23.53
N MET A 252 0.48 0.76 23.55
CA MET A 252 1.58 -0.19 23.51
C MET A 252 1.60 -1.10 24.74
N GLU A 253 1.19 -0.59 25.91
CA GLU A 253 1.12 -1.49 27.07
C GLU A 253 -0.23 -2.20 27.20
N GLN A 254 -1.34 -1.46 27.08
CA GLN A 254 -2.62 -2.12 27.31
C GLN A 254 -2.94 -3.17 26.25
N ALA A 255 -2.64 -2.91 24.98
CA ALA A 255 -2.95 -3.92 23.98
C ALA A 255 -2.02 -5.12 24.14
N PHE A 256 -0.74 -4.89 24.42
CA PHE A 256 0.19 -5.99 24.64
C PHE A 256 -0.29 -6.89 25.78
N LEU A 257 -0.68 -6.28 26.90
CA LEU A 257 -1.09 -7.09 28.05
C LEU A 257 -2.38 -7.86 27.77
N LYS A 258 -3.28 -7.31 26.96
CA LYS A 258 -4.47 -8.05 26.55
C LYS A 258 -4.08 -9.26 25.70
N GLY A 259 -3.11 -9.08 24.81
CA GLY A 259 -2.66 -10.21 24.01
C GLY A 259 -1.98 -11.27 24.86
N VAL A 260 -1.16 -10.83 25.82
CA VAL A 260 -0.52 -11.79 26.75
C VAL A 260 -1.58 -12.54 27.56
N ALA A 261 -2.60 -11.83 28.05
CA ALA A 261 -3.64 -12.50 28.80
C ALA A 261 -4.28 -13.62 27.99
N PHE A 262 -4.45 -13.41 26.69
CA PHE A 262 -4.97 -14.48 25.85
C PHE A 262 -3.96 -15.61 25.67
N VAL A 263 -2.71 -15.26 25.33
CA VAL A 263 -1.76 -16.32 24.94
C VAL A 263 -1.44 -17.18 26.15
N GLU A 264 -1.48 -16.59 27.36
CA GLU A 264 -1.28 -17.38 28.58
C GLU A 264 -2.29 -18.51 28.71
N THR A 265 -3.48 -18.35 28.15
CA THR A 265 -4.49 -19.40 28.22
C THR A 265 -4.26 -20.52 27.22
N VAL A 266 -3.35 -20.35 26.25
CA VAL A 266 -3.17 -21.40 25.26
C VAL A 266 -1.76 -21.98 25.28
N VAL A 267 -0.74 -21.22 25.68
CA VAL A 267 0.61 -21.75 25.48
C VAL A 267 1.09 -22.66 26.59
N LYS A 268 0.44 -22.68 27.75
CA LYS A 268 0.91 -23.49 28.86
C LYS A 268 0.53 -24.94 28.64
N ALA A 269 1.48 -25.85 28.84
CA ALA A 269 1.25 -27.28 28.67
C ALA A 269 1.91 -28.00 29.85
N ALA A 270 1.14 -28.75 30.62
CA ALA A 270 1.63 -29.26 31.90
C ALA A 270 1.95 -30.75 31.86
N VAL A 271 2.94 -31.14 32.65
CA VAL A 271 3.20 -32.55 32.97
C VAL A 271 3.09 -32.69 34.48
N PRO A 272 2.79 -33.89 34.98
CA PRO A 272 2.66 -34.06 36.44
C PRO A 272 3.97 -33.94 37.19
N ALA A 273 5.11 -34.20 36.53
CA ALA A 273 6.39 -34.17 37.21
C ALA A 273 7.48 -34.00 36.17
N PRO A 274 8.63 -33.42 36.53
CA PRO A 274 9.73 -33.32 35.56
C PRO A 274 10.21 -34.70 35.15
N VAL A 275 10.78 -34.75 33.95
CA VAL A 275 11.15 -36.02 33.33
C VAL A 275 12.64 -36.01 33.02
N ASP A 276 13.19 -37.22 32.83
CA ASP A 276 14.63 -37.32 32.59
C ASP A 276 15.02 -36.91 31.17
N VAL A 277 14.11 -37.05 30.21
CA VAL A 277 14.42 -36.80 28.81
C VAL A 277 13.33 -35.93 28.22
N VAL A 278 13.70 -34.75 27.71
CA VAL A 278 12.78 -33.85 27.03
C VAL A 278 13.23 -33.72 25.58
N VAL A 279 12.34 -34.06 24.66
CA VAL A 279 12.58 -33.91 23.23
C VAL A 279 11.91 -32.62 22.79
N THR A 280 12.64 -31.77 22.07
CA THR A 280 12.06 -30.49 21.69
C THR A 280 12.64 -30.05 20.34
N SER A 281 12.20 -28.88 19.90
CA SER A 281 12.58 -28.29 18.64
C SER A 281 12.96 -26.84 18.90
N SER A 282 13.34 -26.16 17.82
CA SER A 282 13.52 -24.72 17.84
C SER A 282 12.42 -24.02 17.05
N ALA A 283 11.23 -24.62 17.00
CA ALA A 283 10.03 -24.06 16.40
C ALA A 283 10.12 -23.91 14.88
N GLY A 284 11.04 -24.62 14.24
CA GLY A 284 11.07 -24.64 12.79
C GLY A 284 11.51 -23.31 12.17
N HIS A 285 11.39 -23.26 10.85
CA HIS A 285 11.63 -22.03 10.11
C HIS A 285 10.56 -20.99 10.48
N PRO A 286 10.95 -19.71 10.71
CA PRO A 286 12.26 -19.12 10.56
C PRO A 286 13.11 -19.08 11.83
N LEU A 287 12.54 -19.41 12.99
CA LEU A 287 13.33 -19.26 14.22
C LEU A 287 14.57 -20.14 14.20
N ASP A 288 14.50 -21.35 13.64
CA ASP A 288 15.60 -22.29 13.83
C ASP A 288 16.70 -22.14 12.78
N LEU A 289 16.81 -20.95 12.17
CA LEU A 289 17.86 -20.70 11.18
C LEU A 289 19.26 -20.81 11.77
N THR A 290 19.46 -20.45 13.05
CA THR A 290 20.80 -20.43 13.62
C THR A 290 20.81 -21.09 14.99
N PHE A 291 21.99 -21.63 15.35
CA PHE A 291 22.19 -22.17 16.69
C PHE A 291 21.94 -21.10 17.75
N TYR A 292 22.36 -19.87 17.45
CA TYR A 292 22.10 -18.72 18.35
C TYR A 292 20.64 -18.68 18.78
N GLN A 293 19.70 -18.82 17.82
CA GLN A 293 18.29 -18.79 18.20
C GLN A 293 17.81 -20.11 18.80
N ALA A 294 18.35 -21.23 18.32
CA ALA A 294 17.90 -22.54 18.77
C ALA A 294 18.16 -22.80 20.25
N VAL A 295 19.08 -22.04 20.88
CA VAL A 295 19.24 -22.14 22.33
C VAL A 295 17.90 -21.89 23.03
N LYS A 296 16.99 -21.15 22.38
CA LYS A 296 15.66 -20.93 22.95
C LYS A 296 14.88 -22.22 23.18
N GLY A 297 15.05 -23.21 22.29
CA GLY A 297 14.41 -24.51 22.54
C GLY A 297 14.96 -25.17 23.79
N LEU A 298 16.26 -24.97 24.05
CA LEU A 298 16.88 -25.54 25.24
C LEU A 298 16.37 -24.86 26.50
N THR A 299 16.38 -23.51 26.53
CA THR A 299 15.87 -22.85 27.73
C THR A 299 14.39 -23.12 27.92
N GLY A 300 13.64 -23.25 26.84
CA GLY A 300 12.21 -23.49 26.96
C GLY A 300 11.89 -24.81 27.63
N ALA A 301 12.77 -25.80 27.48
CA ALA A 301 12.54 -27.13 28.04
C ALA A 301 12.90 -27.23 29.52
N LEU A 302 13.71 -26.29 30.03
CA LEU A 302 14.23 -26.42 31.39
C LEU A 302 13.18 -26.65 32.48
N PRO A 303 12.01 -26.01 32.47
CA PRO A 303 11.08 -26.20 33.60
C PRO A 303 10.64 -27.65 33.81
N ILE A 304 10.67 -28.50 32.79
CA ILE A 304 10.14 -29.85 32.92
C ILE A 304 11.21 -30.93 32.82
N VAL A 305 12.49 -30.56 32.76
CA VAL A 305 13.55 -31.57 32.81
C VAL A 305 14.06 -31.70 34.25
N LYS A 306 14.34 -32.93 34.66
CA LYS A 306 14.94 -33.15 35.97
C LYS A 306 16.38 -32.66 35.96
N PRO A 307 16.86 -32.11 37.07
CA PRO A 307 18.29 -31.80 37.17
C PRO A 307 19.13 -33.02 36.82
N GLY A 308 20.12 -32.81 35.96
CA GLY A 308 20.92 -33.90 35.42
C GLY A 308 20.27 -34.66 34.29
N GLY A 309 19.05 -34.31 33.90
CA GLY A 309 18.39 -34.91 32.75
C GLY A 309 19.01 -34.46 31.44
N THR A 310 18.38 -34.89 30.34
CA THR A 310 18.88 -34.61 29.00
C THR A 310 17.78 -33.97 28.17
N ILE A 311 18.10 -32.86 27.51
CA ILE A 311 17.26 -32.25 26.49
C ILE A 311 17.79 -32.68 25.13
N VAL A 312 16.92 -33.26 24.31
CA VAL A 312 17.21 -33.63 22.94
C VAL A 312 16.51 -32.61 22.06
N ILE A 313 17.27 -31.83 21.28
CA ILE A 313 16.66 -30.82 20.43
C ILE A 313 16.95 -31.14 18.98
N ALA A 314 15.94 -30.95 18.13
CA ALA A 314 16.12 -31.01 16.68
C ALA A 314 15.94 -29.60 16.14
N ALA A 315 16.86 -29.15 15.29
CA ALA A 315 16.75 -27.83 14.69
C ALA A 315 17.51 -27.84 13.37
N ALA A 316 16.95 -27.21 12.34
CA ALA A 316 17.54 -27.33 11.02
C ALA A 316 18.83 -26.51 10.88
N LEU A 317 18.91 -25.35 11.54
CA LEU A 317 20.12 -24.50 11.50
C LEU A 317 20.56 -24.23 10.05
N ALA A 318 19.60 -23.89 9.19
CA ALA A 318 19.95 -23.76 7.77
C ALA A 318 20.96 -22.64 7.53
N GLU A 319 21.03 -21.64 8.40
CA GLU A 319 21.98 -20.55 8.26
C GLU A 319 23.24 -20.76 9.11
N GLY A 320 23.31 -21.81 9.91
CA GLY A 320 24.52 -22.11 10.66
C GLY A 320 24.50 -21.70 12.13
N LEU A 321 25.65 -21.22 12.62
CA LEU A 321 25.76 -20.93 14.06
C LEU A 321 25.19 -19.58 14.44
N GLY A 322 25.33 -18.56 13.59
CA GLY A 322 24.94 -17.22 13.97
C GLY A 322 26.01 -16.22 13.58
N SER A 323 26.00 -15.07 14.27
CA SER A 323 26.84 -13.94 13.91
C SER A 323 28.33 -14.26 14.10
N PRO A 324 29.20 -13.54 13.40
CA PRO A 324 30.65 -13.71 13.65
C PRO A 324 31.05 -13.44 15.08
N GLU A 325 30.44 -12.43 15.71
CA GLU A 325 30.72 -12.15 17.12
C GLU A 325 30.31 -13.32 18.01
N PHE A 326 29.12 -13.87 17.79
CA PHE A 326 28.69 -15.04 18.54
C PHE A 326 29.67 -16.20 18.35
N GLN A 327 30.02 -16.49 17.09
CA GLN A 327 30.94 -17.60 16.83
C GLN A 327 32.30 -17.38 17.48
N SER A 328 32.78 -16.14 17.49
CA SER A 328 34.11 -15.87 18.06
C SER A 328 34.14 -16.17 19.55
N LEU A 329 33.00 -16.06 20.25
CA LEU A 329 33.02 -16.31 21.69
C LEU A 329 33.31 -17.78 22.00
N PHE A 330 32.90 -18.71 21.14
CA PHE A 330 33.24 -20.11 21.34
C PHE A 330 34.74 -20.34 21.18
N GLU A 331 35.38 -19.61 20.27
CA GLU A 331 36.83 -19.73 20.13
C GLU A 331 37.56 -19.05 21.28
N GLU A 332 37.08 -17.89 21.72
CA GLU A 332 37.76 -17.17 22.80
C GLU A 332 37.53 -17.84 24.15
N HIS A 333 36.41 -18.55 24.32
CA HIS A 333 36.08 -19.22 25.58
C HIS A 333 35.72 -20.67 25.33
N PRO A 334 36.70 -21.58 25.37
CA PRO A 334 36.39 -23.01 25.10
C PRO A 334 35.52 -23.65 26.16
N THR A 335 35.46 -23.10 27.38
CA THR A 335 34.55 -23.60 28.39
C THR A 335 33.54 -22.52 28.79
N LEU A 336 32.32 -22.96 29.11
CA LEU A 336 31.30 -22.03 29.61
C LEU A 336 31.70 -21.43 30.96
N GLU A 337 32.41 -22.20 31.78
CA GLU A 337 32.86 -21.70 33.07
C GLU A 337 33.82 -20.53 32.90
N GLY A 338 34.71 -20.61 31.91
CA GLY A 338 35.61 -19.50 31.63
C GLY A 338 34.87 -18.30 31.06
N PHE A 339 33.91 -18.56 30.18
CA PHE A 339 33.08 -17.47 29.67
C PHE A 339 32.36 -16.77 30.81
N MET A 340 31.84 -17.53 31.78
CA MET A 340 31.04 -16.87 32.78
C MET A 340 31.94 -16.11 33.75
N GLU A 341 33.15 -16.61 34.00
CA GLU A 341 34.14 -15.82 34.75
C GLU A 341 34.43 -14.48 34.06
N ALA A 342 34.59 -14.50 32.74
CA ALA A 342 34.82 -13.28 31.98
C ALA A 342 33.70 -12.26 32.19
N ILE A 343 32.44 -12.68 32.03
CA ILE A 343 31.38 -11.67 32.03
C ILE A 343 30.79 -11.38 33.40
N LEU A 344 31.04 -12.23 34.40
CA LEU A 344 30.45 -11.98 35.72
C LEU A 344 31.31 -11.08 36.60
N LYS A 345 32.62 -11.08 36.43
CA LYS A 345 33.51 -10.40 37.37
C LYS A 345 33.99 -9.04 36.87
N GLU A 346 33.65 -8.67 35.62
CA GLU A 346 33.98 -7.37 35.08
C GLU A 346 32.91 -7.00 34.07
N GLU A 347 32.88 -5.71 33.71
CA GLU A 347 31.95 -5.19 32.70
C GLU A 347 32.47 -5.53 31.31
N SER A 348 32.30 -6.79 30.92
CA SER A 348 32.78 -7.32 29.65
C SER A 348 31.59 -7.52 28.73
N PHE A 349 31.60 -6.85 27.56
CA PHE A 349 30.43 -6.83 26.67
C PHE A 349 30.86 -7.12 25.24
N THR A 350 30.32 -8.19 24.69
CA THR A 350 30.53 -8.62 23.32
C THR A 350 29.16 -8.87 22.71
N VAL A 351 28.99 -8.46 21.45
CA VAL A 351 27.71 -8.67 20.78
C VAL A 351 27.34 -10.14 20.83
N ASP A 352 26.09 -10.42 21.20
CA ASP A 352 25.47 -11.74 21.19
C ASP A 352 25.93 -12.66 22.33
N GLN A 353 26.70 -12.16 23.31
CA GLN A 353 27.18 -13.01 24.38
C GLN A 353 26.05 -13.50 25.27
N TRP A 354 24.93 -12.79 25.28
CA TRP A 354 23.80 -13.16 26.12
C TRP A 354 23.27 -14.56 25.82
N GLN A 355 23.35 -15.02 24.57
CA GLN A 355 22.87 -16.37 24.28
CA GLN A 355 22.86 -16.37 24.30
C GLN A 355 23.83 -17.45 24.76
N LEU A 356 25.13 -17.13 24.82
CA LEU A 356 26.06 -18.05 25.45
C LEU A 356 25.78 -18.12 26.94
N GLU A 357 25.40 -17.00 27.55
CA GLU A 357 25.03 -17.02 28.96
C GLU A 357 23.77 -17.85 29.18
N GLU A 358 22.82 -17.78 28.23
CA GLU A 358 21.63 -18.63 28.34
C GLU A 358 21.98 -20.10 28.16
N LEU A 359 22.91 -20.40 27.26
CA LEU A 359 23.34 -21.79 27.11
C LEU A 359 24.04 -22.29 28.38
N ALA A 360 24.79 -21.42 29.05
CA ALA A 360 25.39 -21.81 30.31
C ALA A 360 24.32 -22.12 31.35
N LYS A 361 23.24 -21.32 31.36
CA LYS A 361 22.13 -21.59 32.27
C LYS A 361 21.53 -22.97 32.00
N VAL A 362 21.39 -23.33 30.72
CA VAL A 362 20.91 -24.66 30.38
C VAL A 362 21.87 -25.73 30.90
N ARG A 363 23.16 -25.58 30.61
CA ARG A 363 24.09 -26.66 30.93
C ARG A 363 24.36 -26.81 32.42
N ARG A 364 24.04 -25.80 33.23
CA ARG A 364 24.09 -26.00 34.68
C ARG A 364 23.02 -26.97 35.16
N LYS A 365 21.96 -27.17 34.41
CA LYS A 365 20.89 -28.07 34.81
C LYS A 365 20.83 -29.36 34.01
N ALA A 366 21.12 -29.32 32.71
CA ALA A 366 20.83 -30.47 31.85
C ALA A 366 21.95 -30.72 30.86
N ARG A 367 22.11 -31.98 30.48
CA ARG A 367 22.85 -32.37 29.29
C ARG A 367 22.02 -32.05 28.05
N VAL A 368 22.70 -31.85 26.92
CA VAL A 368 22.03 -31.55 25.66
C VAL A 368 22.54 -32.47 24.58
N LYS A 369 21.62 -33.11 23.85
CA LYS A 369 21.91 -33.85 22.62
C LYS A 369 21.27 -33.07 21.48
N PHE A 370 22.06 -32.74 20.46
CA PHE A 370 21.63 -31.83 19.40
CA PHE A 370 21.62 -31.82 19.40
C PHE A 370 21.61 -32.56 18.07
N VAL A 371 20.45 -32.55 17.40
CA VAL A 371 20.24 -33.23 16.12
C VAL A 371 20.00 -32.18 15.05
N SER A 372 20.88 -32.14 14.04
CA SER A 372 20.76 -31.15 12.98
C SER A 372 21.56 -31.62 11.77
N ASP A 373 21.06 -31.31 10.57
CA ASP A 373 21.92 -31.48 9.39
C ASP A 373 22.38 -30.15 8.82
N GLY A 374 22.26 -29.05 9.58
CA GLY A 374 22.64 -27.75 9.07
C GLY A 374 24.02 -27.30 9.50
N VAL A 375 24.56 -27.91 10.55
CA VAL A 375 25.90 -27.63 11.06
C VAL A 375 26.61 -28.97 11.24
N PRO A 376 27.86 -29.14 10.81
CA PRO A 376 28.54 -30.43 11.01
C PRO A 376 28.65 -30.80 12.48
N ALA A 377 28.69 -32.11 12.74
CA ALA A 377 28.80 -32.59 14.11
C ALA A 377 30.05 -32.04 14.80
N ALA A 378 31.15 -31.94 14.06
CA ALA A 378 32.40 -31.50 14.68
C ALA A 378 32.28 -30.07 15.19
N VAL A 379 31.54 -29.23 14.46
CA VAL A 379 31.30 -27.86 14.89
C VAL A 379 30.41 -27.84 16.12
N LEU A 380 29.27 -28.54 16.05
CA LEU A 380 28.34 -28.56 17.18
C LEU A 380 29.02 -29.05 18.46
N SER A 381 29.96 -29.98 18.34
CA SER A 381 30.63 -30.47 19.53
C SER A 381 31.51 -29.41 20.20
N ARG A 382 31.81 -28.31 19.51
CA ARG A 382 32.54 -27.20 20.13
C ARG A 382 31.58 -26.18 20.73
N CYS A 383 30.28 -26.45 20.67
CA CYS A 383 29.24 -25.55 21.14
C CYS A 383 28.59 -26.03 22.42
N HIS A 384 29.24 -26.92 23.16
CA HIS A 384 28.79 -27.35 24.49
C HIS A 384 27.50 -28.13 24.43
N VAL A 385 27.26 -28.79 23.29
CA VAL A 385 26.19 -29.75 23.14
C VAL A 385 26.80 -31.01 22.54
N GLU A 386 26.07 -32.14 22.66
CA GLU A 386 26.53 -33.38 22.07
C GLU A 386 25.80 -33.64 20.77
N PRO A 387 26.46 -33.58 19.60
CA PRO A 387 25.75 -33.92 18.37
C PRO A 387 25.41 -35.41 18.34
N VAL A 388 24.17 -35.71 17.99
CA VAL A 388 23.72 -37.09 17.80
C VAL A 388 23.03 -37.17 16.44
N ALA A 389 23.23 -38.30 15.74
CA ALA A 389 22.80 -38.35 14.34
C ALA A 389 21.29 -38.27 14.18
N THR A 390 20.52 -38.82 15.13
CA THR A 390 19.07 -38.82 15.00
C THR A 390 18.46 -38.62 16.37
N VAL A 391 17.22 -38.09 16.38
CA VAL A 391 16.51 -37.94 17.65
C VAL A 391 16.23 -39.29 18.27
N GLU A 392 15.84 -40.26 17.44
CA GLU A 392 15.55 -41.60 17.95
C GLU A 392 16.78 -42.21 18.62
N LEU A 393 17.95 -42.05 18.01
CA LEU A 393 19.19 -42.52 18.64
C LEU A 393 19.46 -41.76 19.94
N ALA A 394 19.34 -40.44 19.89
CA ALA A 394 19.58 -39.62 21.09
C ALA A 394 18.71 -40.06 22.26
N VAL A 395 17.42 -40.31 22.01
CA VAL A 395 16.51 -40.75 23.05
C VAL A 395 16.92 -42.13 23.58
N ALA A 396 17.23 -43.05 22.66
CA ALA A 396 17.70 -44.37 23.08
C ALA A 396 18.95 -44.27 23.97
N GLN A 397 19.88 -43.38 23.60
CA GLN A 397 21.08 -43.18 24.43
C GLN A 397 20.72 -42.66 25.80
N ALA A 398 19.85 -41.64 25.86
CA ALA A 398 19.47 -41.05 27.14
C ALA A 398 18.73 -42.05 28.02
N LEU A 399 17.84 -42.84 27.41
CA LEU A 399 17.06 -43.79 28.19
C LEU A 399 17.93 -44.89 28.80
N GLU A 400 18.99 -45.28 28.11
CA GLU A 400 19.94 -46.23 28.71
C GLU A 400 20.63 -45.60 29.91
N GLN A 401 20.94 -44.31 29.83
CA GLN A 401 21.64 -43.62 30.91
C GLN A 401 20.77 -43.50 32.17
N TYR A 402 19.46 -43.26 32.00
CA TYR A 402 18.60 -42.99 33.13
C TYR A 402 17.81 -44.20 33.62
N GLY A 403 17.74 -45.27 32.82
CA GLY A 403 17.20 -46.52 33.30
C GLY A 403 15.75 -46.75 32.94
N PRO A 404 15.19 -47.85 33.44
CA PRO A 404 13.88 -48.32 32.97
C PRO A 404 12.70 -47.52 33.49
N GLU A 405 12.88 -46.68 34.51
CA GLU A 405 11.81 -45.82 35.00
C GLU A 405 11.74 -44.48 34.27
N ALA A 406 12.74 -44.17 33.45
CA ALA A 406 12.83 -42.85 32.84
C ALA A 406 11.70 -42.62 31.84
N ARG A 407 11.22 -41.37 31.78
CA ARG A 407 10.12 -40.98 30.91
C ARG A 407 10.59 -39.91 29.93
N VAL A 408 9.88 -39.82 28.81
CA VAL A 408 10.21 -38.86 27.75
C VAL A 408 9.03 -37.90 27.61
N ALA A 409 9.31 -36.59 27.61
CA ALA A 409 8.30 -35.62 27.20
C ALA A 409 8.73 -35.04 25.86
N VAL A 410 7.77 -34.68 25.02
CA VAL A 410 8.08 -34.14 23.70
C VAL A 410 7.29 -32.87 23.43
N ILE A 411 7.97 -31.87 22.86
CA ILE A 411 7.42 -30.53 22.67
C ILE A 411 7.59 -30.19 21.19
N PRO A 412 6.68 -30.61 20.32
CA PRO A 412 6.92 -30.43 18.86
C PRO A 412 7.17 -29.00 18.43
N LYS A 413 6.49 -28.02 19.05
CA LYS A 413 6.67 -26.63 18.66
CA LYS A 413 6.63 -26.62 18.69
C LYS A 413 7.69 -25.91 19.53
N GLY A 414 8.42 -26.63 20.37
CA GLY A 414 9.56 -26.09 21.08
C GLY A 414 9.25 -24.84 21.87
N PRO A 415 9.99 -23.76 21.62
CA PRO A 415 9.87 -22.55 22.45
C PRO A 415 8.57 -21.79 22.24
N TYR A 416 7.70 -22.22 21.34
CA TYR A 416 6.39 -21.59 21.23
C TYR A 416 5.39 -22.20 22.20
N VAL A 417 5.82 -23.19 22.98
CA VAL A 417 5.04 -23.79 24.06
C VAL A 417 5.69 -23.39 25.38
N LEU A 418 4.87 -23.27 26.42
CA LEU A 418 5.36 -22.94 27.77
C LEU A 418 5.17 -24.16 28.65
N PRO A 419 6.16 -25.06 28.75
CA PRO A 419 5.96 -26.30 29.51
C PRO A 419 6.01 -26.00 31.00
N VAL A 420 5.14 -26.65 31.77
CA VAL A 420 5.14 -26.43 33.21
C VAL A 420 4.91 -27.77 33.92
N VAL A 421 5.37 -27.81 35.16
CA VAL A 421 5.09 -28.93 36.05
C VAL A 421 3.87 -28.56 36.87
N ASP A 422 2.83 -29.40 36.82
CA ASP A 422 1.64 -29.19 37.63
C ASP A 422 1.46 -30.44 38.49
N PRO A 423 1.92 -30.42 39.75
CA PRO A 423 1.81 -31.62 40.58
C PRO A 423 0.38 -32.09 40.83
N THR A 424 -0.58 -31.16 40.80
CA THR A 424 -1.98 -31.53 40.96
C THR A 424 -2.49 -32.43 39.84
N LEU A 425 -1.70 -32.60 38.78
CA LEU A 425 -2.15 -33.30 37.58
C LEU A 425 -1.93 -34.81 37.69
N ARG B 1 -4.82 41.71 -16.21
CA ARG B 1 -6.09 41.34 -16.85
C ARG B 1 -5.99 40.04 -17.63
N VAL B 2 -6.77 39.04 -17.24
CA VAL B 2 -6.76 37.75 -17.91
C VAL B 2 -8.20 37.24 -17.99
N THR B 3 -8.51 36.52 -19.07
CA THR B 3 -9.82 35.90 -19.23
C THR B 3 -9.69 34.41 -18.94
N LEU B 4 -10.23 33.98 -17.80
CA LEU B 4 -10.32 32.56 -17.50
C LEU B 4 -11.45 31.90 -18.28
N ASP B 5 -11.26 30.63 -18.62
CA ASP B 5 -12.37 29.88 -19.22
C ASP B 5 -13.48 29.75 -18.17
N TYR B 6 -14.73 29.97 -18.55
CA TYR B 6 -15.82 29.98 -17.56
C TYR B 6 -17.16 29.85 -18.29
N GLY B 7 -17.79 28.68 -18.19
CA GLY B 7 -19.01 28.45 -18.96
C GLY B 7 -18.88 28.86 -20.42
N LYS B 8 -19.90 29.53 -20.95
CA LYS B 8 -19.90 29.96 -22.34
C LYS B 8 -19.33 31.37 -22.53
N THR B 9 -18.94 32.05 -21.46
CA THR B 9 -18.60 33.46 -21.50
C THR B 9 -17.13 33.76 -21.25
N GLY B 10 -16.44 32.93 -20.49
CA GLY B 10 -15.19 33.34 -19.89
C GLY B 10 -15.45 34.28 -18.72
N LEU B 11 -14.37 34.63 -18.01
CA LEU B 11 -14.44 35.45 -16.81
C LEU B 11 -13.23 36.36 -16.77
N ASN B 12 -13.46 37.68 -16.70
CA ASN B 12 -12.37 38.65 -16.80
C ASN B 12 -11.87 38.95 -15.38
N VAL B 13 -10.60 38.61 -15.13
CA VAL B 13 -9.99 38.69 -13.81
C VAL B 13 -8.81 39.64 -13.89
N ASP B 14 -8.65 40.48 -12.86
CA ASP B 14 -7.45 41.31 -12.75
C ASP B 14 -6.55 40.71 -11.67
N LEU B 15 -5.33 40.36 -12.04
CA LEU B 15 -4.37 39.75 -11.15
C LEU B 15 -3.24 40.73 -10.88
N PRO B 16 -2.58 40.64 -9.71
CA PRO B 16 -1.56 41.65 -9.36
C PRO B 16 -0.33 41.58 -10.26
N ASP B 17 0.02 42.72 -10.88
CA ASP B 17 1.16 42.75 -11.80
C ASP B 17 2.45 42.33 -11.11
N ASP B 18 2.64 42.70 -9.85
CA ASP B 18 3.92 42.46 -9.19
C ASP B 18 4.11 41.01 -8.79
N ARG B 19 3.07 40.19 -8.83
CA ARG B 19 3.13 38.85 -8.28
C ARG B 19 2.87 37.75 -9.30
N THR B 20 2.35 38.07 -10.48
CA THR B 20 1.77 37.08 -11.37
C THR B 20 2.71 36.80 -12.54
N LEU B 21 3.02 35.52 -12.73
CA LEU B 21 3.83 35.08 -13.85
C LEU B 21 3.05 35.19 -15.15
N PRO B 22 3.74 35.21 -16.29
CA PRO B 22 3.02 35.18 -17.57
C PRO B 22 2.07 34.00 -17.61
N PRO B 23 0.86 34.17 -18.16
CA PRO B 23 -0.12 33.09 -18.14
C PRO B 23 0.40 31.83 -18.83
N LEU B 24 0.02 30.69 -18.28
CA LEU B 24 0.37 29.38 -18.84
C LEU B 24 -0.65 29.05 -19.91
N THR B 25 -0.21 29.03 -21.17
CA THR B 25 -1.11 28.84 -22.30
C THR B 25 -0.51 27.77 -23.20
N ILE B 26 -1.36 27.16 -24.03
CA ILE B 26 -0.81 26.14 -24.91
C ILE B 26 -0.08 26.84 -26.04
N ARG B 27 0.96 26.20 -26.57
CA ARG B 27 1.79 26.81 -27.59
C ARG B 27 0.95 27.09 -28.85
N PRO B 28 1.22 28.19 -29.54
CA PRO B 28 0.35 28.61 -30.68
C PRO B 28 0.61 27.92 -32.01
N ALA B 29 0.16 26.67 -32.12
CA ALA B 29 0.29 25.91 -33.35
C ALA B 29 -0.74 26.37 -34.38
N PRO B 30 -0.47 26.24 -35.66
CA PRO B 30 -1.42 26.70 -36.66
C PRO B 30 -2.67 25.82 -36.71
N PRO B 31 -3.85 26.41 -36.58
CA PRO B 31 -5.07 25.65 -36.86
C PRO B 31 -5.06 25.13 -38.28
N LEU B 32 -5.78 24.03 -38.48
CA LEU B 32 -6.08 23.59 -39.84
C LEU B 32 -7.10 24.53 -40.45
N ASP B 33 -6.81 24.99 -41.66
CA ASP B 33 -7.74 25.89 -42.33
C ASP B 33 -9.08 25.22 -42.58
N ASP B 34 -9.06 23.98 -43.05
CA ASP B 34 -10.28 23.26 -43.42
C ASP B 34 -10.18 21.88 -42.82
N PRO B 35 -10.55 21.74 -41.55
CA PRO B 35 -10.34 20.45 -40.89
C PRO B 35 -11.22 19.36 -41.45
N GLU B 36 -12.41 19.68 -41.97
CA GLU B 36 -13.22 18.63 -42.60
C GLU B 36 -12.52 18.07 -43.83
N ALA B 37 -11.92 18.94 -44.65
CA ALA B 37 -11.16 18.46 -45.79
C ALA B 37 -9.95 17.67 -45.36
N GLU B 38 -9.36 18.02 -44.21
CA GLU B 38 -8.24 17.24 -43.71
C GLU B 38 -8.71 15.85 -43.25
N VAL B 39 -9.87 15.78 -42.59
CA VAL B 39 -10.41 14.46 -42.24
C VAL B 39 -10.57 13.60 -43.50
N VAL B 40 -11.12 14.18 -44.56
CA VAL B 40 -11.30 13.44 -45.82
C VAL B 40 -9.97 12.90 -46.31
N ARG B 41 -8.92 13.74 -46.28
CA ARG B 41 -7.60 13.28 -46.72
C ARG B 41 -7.06 12.18 -45.82
N CYS B 42 -7.28 12.31 -44.51
CA CYS B 42 -6.74 11.33 -43.57
C CYS B 42 -7.49 10.00 -43.64
N LEU B 43 -8.78 10.02 -44.00
CA LEU B 43 -9.51 8.77 -44.23
C LEU B 43 -8.96 8.02 -45.43
N ALA B 44 -8.37 8.76 -46.39
CA ALA B 44 -7.81 8.14 -47.58
C ALA B 44 -6.37 7.72 -47.41
N GLU B 45 -5.61 8.38 -46.52
CA GLU B 45 -4.22 8.05 -46.26
C GLU B 45 -4.00 8.04 -44.76
N PRO B 46 -4.40 6.97 -44.06
CA PRO B 46 -4.39 6.97 -42.59
C PRO B 46 -3.02 6.61 -42.03
N ILE B 47 -2.95 6.58 -40.71
CA ILE B 47 -1.76 6.15 -39.98
C ILE B 47 -1.92 4.68 -39.62
N GLY B 48 -1.00 3.85 -40.11
CA GLY B 48 -0.95 2.44 -39.70
C GLY B 48 -2.20 1.67 -40.01
N SER B 49 -2.89 2.01 -41.10
CA SER B 49 -4.20 1.45 -41.40
C SER B 49 -4.44 1.54 -42.89
N PRO B 50 -5.16 0.59 -43.48
CA PRO B 50 -5.71 0.82 -44.81
C PRO B 50 -6.65 2.01 -44.79
N PRO B 51 -6.93 2.61 -45.95
CA PRO B 51 -7.99 3.62 -46.01
C PRO B 51 -9.27 3.10 -45.40
N LEU B 52 -10.02 4.01 -44.76
CA LEU B 52 -11.30 3.62 -44.18
C LEU B 52 -12.20 2.96 -45.21
N LEU B 53 -12.25 3.53 -46.43
CA LEU B 53 -13.03 2.91 -47.50
C LEU B 53 -12.65 1.45 -47.72
N ASP B 54 -11.35 1.14 -47.71
CA ASP B 54 -10.92 -0.24 -47.91
C ASP B 54 -11.35 -1.14 -46.75
N LEU B 55 -11.31 -0.62 -45.51
CA LEU B 55 -11.74 -1.39 -44.35
C LEU B 55 -13.24 -1.66 -44.35
N ALA B 56 -14.03 -0.77 -44.96
CA ALA B 56 -15.47 -0.93 -44.92
C ALA B 56 -15.99 -1.84 -46.03
N ARG B 57 -15.13 -2.27 -46.97
CA ARG B 57 -15.56 -3.17 -48.03
C ARG B 57 -15.96 -4.52 -47.44
N GLY B 58 -17.15 -4.99 -47.79
CA GLY B 58 -17.62 -6.27 -47.31
C GLY B 58 -18.02 -6.30 -45.85
N LYS B 59 -18.34 -5.15 -45.29
CA LYS B 59 -18.83 -5.04 -43.92
C LYS B 59 -20.32 -4.77 -43.96
N ARG B 60 -21.07 -5.42 -43.06
CA ARG B 60 -22.53 -5.33 -43.07
C ARG B 60 -23.10 -4.33 -42.08
N SER B 61 -22.37 -3.99 -41.02
CA SER B 61 -22.85 -3.04 -40.04
C SER B 61 -21.67 -2.26 -39.51
N ALA B 62 -21.94 -1.07 -39.00
CA ALA B 62 -20.90 -0.24 -38.41
C ALA B 62 -21.41 0.39 -37.12
N CYS B 63 -20.51 0.52 -36.15
CA CYS B 63 -20.79 1.25 -34.93
C CYS B 63 -19.71 2.32 -34.78
N ILE B 64 -20.14 3.58 -34.63
CA ILE B 64 -19.26 4.73 -34.48
C ILE B 64 -19.43 5.29 -33.09
N LEU B 65 -18.35 5.27 -32.31
CA LEU B 65 -18.35 5.82 -30.96
C LEU B 65 -18.11 7.31 -31.02
N VAL B 66 -18.94 8.09 -30.32
CA VAL B 66 -18.71 9.53 -30.20
C VAL B 66 -18.72 9.91 -28.73
N CYS B 67 -18.01 11.00 -28.41
CA CYS B 67 -17.99 11.50 -27.04
C CYS B 67 -19.32 12.14 -26.68
N ASP B 68 -19.60 12.22 -25.36
CA ASP B 68 -20.81 12.87 -24.88
C ASP B 68 -20.59 14.39 -24.76
N ILE B 69 -21.52 15.08 -24.09
CA ILE B 69 -21.51 16.54 -24.09
C ILE B 69 -20.25 17.11 -23.45
N THR B 70 -19.62 16.34 -22.54
CA THR B 70 -18.53 16.91 -21.75
C THR B 70 -17.26 17.09 -22.54
N ARG B 71 -17.19 16.56 -23.76
CA ARG B 71 -16.03 16.77 -24.63
C ARG B 71 -16.45 17.63 -25.81
N PRO B 72 -15.82 18.78 -26.03
CA PRO B 72 -16.19 19.68 -27.13
C PRO B 72 -15.65 19.23 -28.50
N VAL B 73 -15.85 17.95 -28.81
CA VAL B 73 -15.47 17.44 -30.14
C VAL B 73 -16.36 18.09 -31.21
N PRO B 74 -15.80 18.68 -32.25
CA PRO B 74 -16.64 19.16 -33.36
C PRO B 74 -17.06 17.99 -34.23
N ASN B 75 -17.95 17.17 -33.69
CA ASN B 75 -18.25 15.87 -34.30
C ASN B 75 -18.67 15.93 -35.76
N PRO B 76 -19.49 16.90 -36.22
CA PRO B 76 -19.86 16.92 -37.65
C PRO B 76 -18.68 16.97 -38.60
N VAL B 77 -17.60 17.64 -38.22
CA VAL B 77 -16.39 17.71 -39.05
C VAL B 77 -15.79 16.31 -39.21
N LEU B 78 -15.93 15.46 -38.19
CA LEU B 78 -15.43 14.09 -38.26
CA LEU B 78 -15.42 14.11 -38.27
C LEU B 78 -16.44 13.17 -38.92
N LEU B 79 -17.71 13.32 -38.56
CA LEU B 79 -18.74 12.35 -38.96
C LEU B 79 -19.17 12.48 -40.41
N ARG B 80 -19.31 13.69 -40.95
CA ARG B 80 -19.73 13.78 -42.34
C ARG B 80 -18.78 13.03 -43.28
N PRO B 81 -17.45 13.18 -43.16
CA PRO B 81 -16.57 12.34 -44.00
C PRO B 81 -16.66 10.85 -43.69
N ILE B 82 -16.76 10.48 -42.41
CA ILE B 82 -16.88 9.06 -42.07
C ILE B 82 -18.15 8.47 -42.68
N LEU B 83 -19.28 9.17 -42.51
CA LEU B 83 -20.54 8.63 -42.97
C LEU B 83 -20.58 8.54 -44.49
N ARG B 84 -20.01 9.54 -45.18
CA ARG B 84 -19.96 9.50 -46.64
C ARG B 84 -19.15 8.29 -47.11
N THR B 85 -18.06 7.97 -46.40
CA THR B 85 -17.25 6.80 -46.76
C THR B 85 -18.03 5.51 -46.56
N LEU B 86 -18.72 5.38 -45.43
CA LEU B 86 -19.51 4.17 -45.15
C LEU B 86 -20.59 3.97 -46.21
N HIS B 87 -21.25 5.04 -46.64
CA HIS B 87 -22.27 4.91 -47.66
C HIS B 87 -21.67 4.48 -49.00
N ALA B 88 -20.50 5.03 -49.35
CA ALA B 88 -19.85 4.64 -50.59
C ALA B 88 -19.47 3.16 -50.59
N ALA B 89 -19.30 2.55 -49.42
CA ALA B 89 -19.00 1.13 -49.33
C ALA B 89 -20.25 0.27 -49.27
N GLY B 90 -21.44 0.88 -49.36
CA GLY B 90 -22.67 0.12 -49.42
C GLY B 90 -23.49 0.05 -48.15
N LEU B 91 -23.01 0.63 -47.05
CA LEU B 91 -23.79 0.55 -45.81
C LEU B 91 -24.94 1.55 -45.86
N ALA B 92 -26.15 1.06 -45.60
CA ALA B 92 -27.31 1.93 -45.51
C ALA B 92 -27.42 2.54 -44.11
N THR B 93 -28.25 3.58 -44.01
CA THR B 93 -28.44 4.27 -42.75
C THR B 93 -28.80 3.31 -41.62
N GLN B 94 -29.63 2.31 -41.91
CA GLN B 94 -30.03 1.35 -40.89
C GLN B 94 -28.88 0.47 -40.42
N ASP B 95 -27.80 0.36 -41.20
CA ASP B 95 -26.67 -0.49 -40.83
C ASP B 95 -25.67 0.22 -39.95
N ILE B 96 -25.90 1.50 -39.65
CA ILE B 96 -24.93 2.35 -38.96
C ILE B 96 -25.54 2.82 -37.64
N LEU B 97 -24.79 2.70 -36.56
CA LEU B 97 -25.21 3.17 -35.26
C LEU B 97 -24.17 4.15 -34.75
N ILE B 98 -24.62 5.32 -34.32
CA ILE B 98 -23.79 6.27 -33.58
C ILE B 98 -24.09 6.03 -32.11
N LEU B 99 -23.09 5.55 -31.37
CA LEU B 99 -23.23 5.21 -29.96
C LEU B 99 -22.50 6.26 -29.11
N VAL B 100 -23.25 6.97 -28.26
CA VAL B 100 -22.67 8.00 -27.40
C VAL B 100 -21.94 7.30 -26.26
N ALA B 101 -20.62 7.44 -26.22
CA ALA B 101 -19.78 6.76 -25.24
C ALA B 101 -19.75 7.57 -23.96
N THR B 102 -20.84 7.42 -23.18
CA THR B 102 -21.01 8.14 -21.92
C THR B 102 -20.07 7.67 -20.82
N GLY B 103 -19.45 6.50 -20.94
CA GLY B 103 -18.80 5.94 -19.77
C GLY B 103 -19.87 5.65 -18.73
N LEU B 104 -19.70 6.19 -17.52
CA LEU B 104 -20.75 6.13 -16.52
C LEU B 104 -21.50 7.44 -16.35
N HIS B 105 -21.31 8.40 -17.27
CA HIS B 105 -22.10 9.62 -17.18
C HIS B 105 -23.55 9.30 -17.50
N ARG B 106 -24.43 10.24 -17.14
CA ARG B 106 -25.82 10.21 -17.56
C ARG B 106 -25.92 10.19 -19.08
N PRO B 107 -27.04 9.73 -19.64
CA PRO B 107 -27.20 9.78 -21.10
C PRO B 107 -27.30 11.22 -21.59
N SER B 108 -26.92 11.41 -22.85
CA SER B 108 -27.11 12.70 -23.50
C SER B 108 -28.59 12.94 -23.75
N THR B 109 -28.99 14.20 -23.65
CA THR B 109 -30.36 14.59 -23.94
C THR B 109 -30.55 14.75 -25.45
N PRO B 110 -31.81 14.79 -25.92
CA PRO B 110 -32.02 15.12 -27.34
C PRO B 110 -31.39 16.44 -27.78
N ALA B 111 -31.54 17.51 -26.99
CA ALA B 111 -30.92 18.78 -27.35
C ALA B 111 -29.41 18.67 -27.39
N GLU B 112 -28.81 17.87 -26.49
CA GLU B 112 -27.37 17.69 -26.53
C GLU B 112 -26.93 16.92 -27.78
N LYS B 113 -27.72 15.94 -28.20
CA LYS B 113 -27.35 15.20 -29.40
C LYS B 113 -27.28 16.13 -30.60
N VAL B 114 -28.18 17.12 -30.66
CA VAL B 114 -28.13 18.09 -31.74
C VAL B 114 -26.91 18.99 -31.59
N GLU B 115 -26.64 19.45 -30.36
CA GLU B 115 -25.46 20.27 -30.12
C GLU B 115 -24.19 19.48 -30.45
N MET B 116 -24.15 18.19 -30.11
CA MET B 116 -22.95 17.39 -30.37
C MET B 116 -22.80 17.07 -31.86
N LEU B 117 -23.89 16.71 -32.53
CA LEU B 117 -23.79 15.97 -33.78
C LEU B 117 -24.29 16.71 -35.01
N SER B 118 -24.97 17.85 -34.84
CA SER B 118 -25.71 18.63 -35.84
C SER B 118 -27.13 18.08 -35.97
N GLU B 119 -28.10 18.98 -36.21
CA GLU B 119 -29.48 18.56 -36.34
C GLU B 119 -29.65 17.56 -37.48
N GLU B 120 -28.91 17.73 -38.56
CA GLU B 120 -29.03 16.84 -39.71
C GLU B 120 -28.63 15.42 -39.34
N ILE B 121 -27.49 15.25 -38.68
CA ILE B 121 -27.05 13.90 -38.32
C ILE B 121 -27.93 13.32 -37.23
N ALA B 122 -28.30 14.14 -36.24
CA ALA B 122 -29.12 13.64 -35.13
C ALA B 122 -30.46 13.13 -35.61
N ARG B 123 -31.06 13.80 -36.61
CA ARG B 123 -32.37 13.39 -37.13
C ARG B 123 -32.27 12.26 -38.13
N THR B 124 -31.15 12.15 -38.86
CA THR B 124 -31.05 11.15 -39.93
C THR B 124 -30.64 9.78 -39.43
N TYR B 125 -29.73 9.71 -38.46
CA TYR B 125 -29.09 8.45 -38.10
C TYR B 125 -29.56 7.98 -36.73
N ARG B 126 -29.41 6.68 -36.50
CA ARG B 126 -29.72 6.10 -35.20
C ARG B 126 -28.63 6.50 -34.21
N VAL B 127 -29.02 7.24 -33.18
CA VAL B 127 -28.11 7.70 -32.13
C VAL B 127 -28.61 7.14 -30.81
N GLU B 128 -27.78 6.33 -30.16
CA GLU B 128 -28.15 5.72 -28.90
C GLU B 128 -27.09 6.04 -27.86
N ASP B 129 -27.48 5.94 -26.59
CA ASP B 129 -26.62 6.21 -25.45
C ASP B 129 -26.12 4.92 -24.82
N HIS B 130 -24.88 4.95 -24.34
CA HIS B 130 -24.38 3.88 -23.50
C HIS B 130 -24.92 4.04 -22.07
N TYR B 131 -25.31 2.91 -21.46
CA TYR B 131 -25.84 2.88 -20.10
C TYR B 131 -24.96 1.94 -19.27
N GLY B 132 -24.03 2.54 -18.52
CA GLY B 132 -23.03 1.74 -17.81
C GLY B 132 -23.57 0.87 -16.70
N THR B 133 -24.72 1.21 -16.13
CA THR B 133 -25.25 0.37 -15.06
C THR B 133 -26.19 -0.72 -15.56
N ARG B 134 -26.37 -0.86 -16.87
CA ARG B 134 -27.18 -1.95 -17.44
C ARG B 134 -26.20 -3.01 -17.97
N LEU B 135 -25.81 -3.93 -17.08
CA LEU B 135 -24.88 -4.98 -17.49
C LEU B 135 -25.40 -5.77 -18.67
N GLU B 136 -26.73 -5.89 -18.78
CA GLU B 136 -27.32 -6.73 -19.82
C GLU B 136 -27.02 -6.19 -21.21
N GLU B 137 -26.78 -4.87 -21.33
CA GLU B 137 -26.46 -4.27 -22.62
C GLU B 137 -24.99 -4.46 -22.99
N HIS B 138 -24.24 -5.26 -22.22
CA HIS B 138 -22.82 -5.46 -22.42
C HIS B 138 -22.48 -6.92 -22.65
N THR B 139 -21.38 -7.13 -23.36
CA THR B 139 -20.85 -8.46 -23.66
C THR B 139 -19.56 -8.66 -22.88
N TYR B 140 -19.45 -9.81 -22.20
CA TYR B 140 -18.24 -10.15 -21.46
C TYR B 140 -17.17 -10.68 -22.41
N LEU B 141 -16.01 -10.03 -22.41
CA LEU B 141 -14.93 -10.38 -23.32
C LEU B 141 -13.79 -11.11 -22.65
N GLY B 142 -13.87 -11.34 -21.35
CA GLY B 142 -12.79 -11.94 -20.60
C GLY B 142 -12.31 -11.01 -19.49
N THR B 143 -11.35 -11.50 -18.72
CA THR B 143 -10.79 -10.77 -17.60
C THR B 143 -9.30 -10.53 -17.82
N THR B 144 -8.85 -9.31 -17.55
CA THR B 144 -7.46 -8.95 -17.73
C THR B 144 -6.59 -9.62 -16.67
N PRO B 145 -5.26 -9.66 -16.88
CA PRO B 145 -4.36 -10.15 -15.82
C PRO B 145 -4.49 -9.39 -14.52
N ASN B 146 -4.78 -8.09 -14.57
CA ASN B 146 -5.00 -7.33 -13.33
C ASN B 146 -6.35 -7.61 -12.72
N GLY B 147 -7.14 -8.53 -13.30
CA GLY B 147 -8.38 -8.96 -12.69
C GLY B 147 -9.57 -8.10 -12.99
N VAL B 148 -9.53 -7.29 -14.04
CA VAL B 148 -10.66 -6.45 -14.42
C VAL B 148 -11.50 -7.19 -15.45
N PRO B 149 -12.77 -7.48 -15.18
CA PRO B 149 -13.62 -8.10 -16.20
C PRO B 149 -13.96 -7.07 -17.26
N ALA B 150 -13.85 -7.45 -18.53
CA ALA B 150 -14.07 -6.54 -19.65
C ALA B 150 -15.50 -6.72 -20.15
N TRP B 151 -16.37 -5.75 -19.85
CA TRP B 151 -17.77 -5.73 -20.25
C TRP B 151 -17.98 -4.51 -21.15
N ILE B 152 -18.20 -4.75 -22.44
CA ILE B 152 -18.26 -3.69 -23.45
C ILE B 152 -19.61 -3.74 -24.15
N ASP B 153 -20.18 -2.56 -24.42
CA ASP B 153 -21.52 -2.45 -25.00
C ASP B 153 -21.67 -3.37 -26.20
N SER B 154 -22.71 -4.22 -26.17
CA SER B 154 -22.85 -5.26 -27.18
C SER B 154 -23.07 -4.70 -28.57
N ARG B 155 -23.69 -3.52 -28.69
CA ARG B 155 -23.92 -2.95 -30.01
C ARG B 155 -22.61 -2.65 -30.72
N TYR B 156 -21.58 -2.29 -29.97
CA TYR B 156 -20.27 -2.11 -30.59
C TYR B 156 -19.58 -3.45 -30.83
N VAL B 157 -19.63 -4.35 -29.86
CA VAL B 157 -18.88 -5.61 -29.95
C VAL B 157 -19.27 -6.39 -31.20
N GLN B 158 -20.55 -6.35 -31.56
CA GLN B 158 -21.04 -7.20 -32.64
C GLN B 158 -21.05 -6.52 -34.01
N ALA B 159 -20.53 -5.30 -34.12
CA ALA B 159 -20.49 -4.63 -35.42
C ALA B 159 -19.35 -5.17 -36.28
N ASP B 160 -19.61 -5.37 -37.59
CA ASP B 160 -18.52 -5.75 -38.49
CA ASP B 160 -18.53 -5.75 -38.51
C ASP B 160 -17.41 -4.72 -38.49
N LEU B 161 -17.76 -3.44 -38.47
CA LEU B 161 -16.81 -2.35 -38.53
C LEU B 161 -16.93 -1.51 -37.27
N LYS B 162 -15.81 -1.33 -36.57
CA LYS B 162 -15.76 -0.63 -35.29
C LYS B 162 -14.96 0.66 -35.48
N ILE B 163 -15.60 1.80 -35.26
CA ILE B 163 -14.97 3.10 -35.42
C ILE B 163 -15.13 3.91 -34.13
N ALA B 164 -14.09 4.65 -33.75
CA ALA B 164 -14.18 5.53 -32.58
C ALA B 164 -13.67 6.92 -32.92
N THR B 165 -14.39 7.94 -32.48
CA THR B 165 -13.96 9.33 -32.69
C THR B 165 -13.71 9.98 -31.34
N GLY B 166 -12.92 11.03 -31.32
CA GLY B 166 -12.73 11.72 -30.06
C GLY B 166 -11.66 12.79 -30.14
N LEU B 167 -11.15 13.12 -28.95
CA LEU B 167 -10.42 14.36 -28.71
C LEU B 167 -9.29 14.10 -27.75
N ILE B 168 -8.07 14.47 -28.13
CA ILE B 168 -6.88 14.20 -27.33
C ILE B 168 -6.59 15.44 -26.49
N GLU B 169 -6.81 15.33 -25.17
CA GLU B 169 -6.57 16.36 -24.18
C GLU B 169 -5.93 15.67 -22.98
N PRO B 170 -5.23 16.42 -22.13
CA PRO B 170 -4.71 15.80 -20.89
C PRO B 170 -5.86 15.23 -20.08
N HIS B 171 -5.59 14.15 -19.35
CA HIS B 171 -6.59 13.49 -18.53
C HIS B 171 -5.98 13.07 -17.20
N LEU B 172 -6.71 13.34 -16.10
CA LEU B 172 -6.15 13.23 -14.76
C LEU B 172 -5.94 11.78 -14.30
N MET B 173 -6.52 10.81 -14.98
CA MET B 173 -6.23 9.40 -14.69
C MET B 173 -5.52 8.68 -15.82
N ALA B 174 -6.01 8.83 -17.04
CA ALA B 174 -5.50 8.07 -18.17
C ALA B 174 -4.36 8.76 -18.90
N GLY B 175 -3.90 9.92 -18.41
CA GLY B 175 -2.78 10.63 -19.01
C GLY B 175 -3.24 11.56 -20.12
N TYR B 176 -3.84 10.96 -21.16
CA TYR B 176 -4.49 11.68 -22.24
C TYR B 176 -5.80 10.99 -22.59
N SER B 177 -6.81 11.80 -22.94
CA SER B 177 -8.05 11.28 -23.49
C SER B 177 -7.86 10.90 -24.96
N GLY B 178 -8.80 10.13 -25.48
CA GLY B 178 -8.85 9.76 -26.88
C GLY B 178 -8.50 8.30 -27.12
N GLY B 179 -8.47 7.94 -28.39
CA GLY B 179 -8.06 6.60 -28.77
C GLY B 179 -8.91 5.54 -28.09
N ARG B 180 -8.20 4.55 -27.54
CA ARG B 180 -8.79 3.51 -26.69
C ARG B 180 -9.83 3.95 -25.67
N LYS B 181 -9.75 5.18 -25.16
CA LYS B 181 -10.61 5.55 -24.04
C LYS B 181 -12.09 5.59 -24.43
N LEU B 182 -12.39 5.72 -25.73
CA LEU B 182 -13.76 5.64 -26.21
C LEU B 182 -14.38 4.29 -25.91
N ILE B 183 -13.57 3.23 -25.91
CA ILE B 183 -14.07 1.90 -25.57
C ILE B 183 -14.04 1.68 -24.06
N CYS B 184 -12.88 1.87 -23.44
CA CYS B 184 -12.76 1.74 -22.00
C CYS B 184 -12.36 3.09 -21.44
N PRO B 185 -13.27 3.84 -20.78
CA PRO B 185 -14.55 3.36 -20.23
C PRO B 185 -15.75 3.77 -21.04
N GLY B 186 -15.54 4.43 -22.19
CA GLY B 186 -16.63 5.07 -22.90
C GLY B 186 -17.86 4.18 -23.09
N ILE B 187 -17.65 2.90 -23.37
CA ILE B 187 -18.79 2.00 -23.53
C ILE B 187 -18.58 0.75 -22.67
N ALA B 188 -17.97 0.94 -21.50
CA ALA B 188 -17.71 -0.13 -20.55
C ALA B 188 -18.74 -0.12 -19.43
N ALA B 189 -19.08 -1.33 -18.95
CA ALA B 189 -20.04 -1.43 -17.86
C ALA B 189 -19.41 -1.01 -16.53
N PHE B 190 -20.27 -0.64 -15.59
CA PHE B 190 -19.81 -0.36 -14.24
C PHE B 190 -19.00 -1.52 -13.65
N GLU B 191 -19.35 -2.76 -14.01
CA GLU B 191 -18.60 -3.90 -13.49
C GLU B 191 -17.14 -3.84 -13.91
N THR B 192 -16.85 -3.23 -15.05
CA THR B 192 -15.49 -2.99 -15.48
C THR B 192 -14.92 -1.72 -14.85
N VAL B 193 -15.69 -0.63 -14.91
CA VAL B 193 -15.17 0.69 -14.55
C VAL B 193 -14.90 0.81 -13.05
N LYS B 194 -15.71 0.18 -12.20
CA LYS B 194 -15.51 0.35 -10.76
C LYS B 194 -14.15 -0.22 -10.33
N LEU B 195 -13.66 -1.24 -11.03
CA LEU B 195 -12.34 -1.81 -10.72
C LEU B 195 -11.23 -1.03 -11.41
N TRP B 196 -11.44 -0.65 -12.67
CA TRP B 196 -10.42 0.11 -13.39
C TRP B 196 -10.23 1.49 -12.78
N HIS B 197 -11.32 2.16 -12.41
CA HIS B 197 -11.26 3.39 -11.64
CA HIS B 197 -11.28 3.40 -11.63
C HIS B 197 -11.15 3.15 -10.13
N GLY B 198 -10.63 2.00 -9.71
CA GLY B 198 -10.49 1.70 -8.30
C GLY B 198 -9.20 2.29 -7.73
N PRO B 199 -9.12 2.40 -6.40
CA PRO B 199 -7.96 3.06 -5.78
C PRO B 199 -6.62 2.45 -6.15
N ARG B 200 -6.58 1.14 -6.44
CA ARG B 200 -5.29 0.54 -6.78
C ARG B 200 -4.75 1.06 -8.10
N PHE B 201 -5.63 1.50 -9.01
CA PHE B 201 -5.15 2.20 -10.20
C PHE B 201 -4.92 3.68 -9.90
N LEU B 202 -5.89 4.34 -9.28
CA LEU B 202 -5.92 5.80 -9.22
C LEU B 202 -4.90 6.36 -8.24
N GLU B 203 -4.44 5.58 -7.27
CA GLU B 203 -3.43 6.05 -6.35
C GLU B 203 -2.01 5.81 -6.87
N HIS B 204 -1.86 5.17 -8.02
CA HIS B 204 -0.54 5.04 -8.62
C HIS B 204 0.01 6.43 -8.96
N PRO B 205 1.30 6.69 -8.70
CA PRO B 205 1.84 8.04 -8.95
C PRO B 205 1.84 8.44 -10.40
N LEU B 206 1.80 7.49 -11.34
CA LEU B 206 1.75 7.82 -12.75
C LEU B 206 0.33 7.81 -13.31
N ALA B 207 -0.69 7.59 -12.46
CA ALA B 207 -2.08 7.82 -12.86
C ALA B 207 -2.36 9.32 -12.76
N ASP B 208 -1.93 10.05 -13.78
CA ASP B 208 -1.93 11.51 -13.72
C ASP B 208 -1.78 12.07 -15.12
N CYS B 209 -2.10 13.35 -15.26
CA CYS B 209 -2.03 14.04 -16.55
CA CYS B 209 -2.03 14.01 -16.56
C CYS B 209 -0.66 13.85 -17.20
N GLY B 210 -0.67 13.48 -18.48
CA GLY B 210 0.54 13.44 -19.26
C GLY B 210 1.27 12.12 -19.32
N PHE B 211 0.90 11.14 -18.50
CA PHE B 211 1.63 9.88 -18.42
C PHE B 211 0.88 8.77 -19.15
N LEU B 212 1.55 8.13 -20.09
CA LEU B 212 1.02 6.95 -20.77
C LEU B 212 1.84 5.73 -20.41
N GLU B 213 3.09 5.64 -20.89
CA GLU B 213 3.94 4.51 -20.53
C GLU B 213 4.20 4.49 -19.03
N GLY B 214 3.94 3.33 -18.41
CA GLY B 214 4.09 3.21 -16.98
C GLY B 214 2.87 3.59 -16.18
N ASN B 215 1.86 4.18 -16.82
CA ASN B 215 0.62 4.54 -16.16
C ASN B 215 -0.33 3.34 -16.23
N PRO B 216 -0.61 2.65 -15.12
CA PRO B 216 -1.45 1.45 -15.21
C PRO B 216 -2.85 1.72 -15.75
N VAL B 217 -3.37 2.93 -15.57
CA VAL B 217 -4.68 3.26 -16.13
C VAL B 217 -4.65 3.13 -17.63
N HIS B 218 -3.60 3.67 -18.25
CA HIS B 218 -3.47 3.65 -19.69
C HIS B 218 -3.17 2.25 -20.20
N GLU B 219 -2.27 1.54 -19.51
CA GLU B 219 -1.96 0.17 -19.92
C GLU B 219 -3.21 -0.70 -19.92
N GLU B 220 -4.09 -0.51 -18.93
CA GLU B 220 -5.26 -1.35 -18.78
C GLU B 220 -6.37 -0.98 -19.77
N ASN B 221 -6.65 0.31 -19.97
CA ASN B 221 -7.74 0.60 -20.92
C ASN B 221 -7.29 0.36 -22.35
N THR B 222 -5.99 0.40 -22.63
CA THR B 222 -5.53 -0.04 -23.95
C THR B 222 -5.71 -1.55 -24.11
N ARG B 223 -5.41 -2.31 -23.06
CA ARG B 223 -5.61 -3.75 -23.09
C ARG B 223 -7.09 -4.11 -23.32
N ILE B 224 -7.98 -3.48 -22.56
CA ILE B 224 -9.40 -3.80 -22.66
C ILE B 224 -9.96 -3.39 -24.03
N ALA B 225 -9.56 -2.22 -24.52
CA ALA B 225 -9.93 -1.81 -25.87
C ALA B 225 -9.50 -2.85 -26.91
N ARG B 226 -8.30 -3.40 -26.76
CA ARG B 226 -7.83 -4.38 -27.72
C ARG B 226 -8.63 -5.68 -27.65
N MET B 227 -9.21 -6.00 -26.49
CA MET B 227 -10.05 -7.19 -26.41
C MET B 227 -11.40 -6.98 -27.12
N ALA B 228 -11.91 -5.75 -27.11
CA ALA B 228 -13.11 -5.45 -27.87
C ALA B 228 -12.79 -5.26 -29.35
N GLY B 229 -11.60 -4.76 -29.65
CA GLY B 229 -11.23 -4.44 -31.01
C GLY B 229 -11.70 -3.06 -31.42
N CYS B 230 -11.01 -2.52 -32.42
CA CYS B 230 -11.35 -1.23 -33.01
C CYS B 230 -10.69 -1.18 -34.37
N ASP B 231 -11.47 -0.92 -35.41
CA ASP B 231 -10.89 -0.98 -36.75
C ASP B 231 -10.28 0.35 -37.18
N PHE B 232 -10.77 1.46 -36.65
CA PHE B 232 -10.39 2.76 -37.18
C PHE B 232 -10.79 3.85 -36.18
N ILE B 233 -9.89 4.79 -35.95
CA ILE B 233 -10.22 5.94 -35.14
C ILE B 233 -10.01 7.22 -35.93
N VAL B 234 -10.70 8.27 -35.53
CA VAL B 234 -10.38 9.63 -35.94
C VAL B 234 -10.39 10.48 -34.67
N ASN B 235 -9.25 11.09 -34.35
CA ASN B 235 -9.11 11.96 -33.19
C ASN B 235 -8.59 13.33 -33.60
N VAL B 236 -8.99 14.36 -32.86
CA VAL B 236 -8.49 15.71 -33.12
C VAL B 236 -7.83 16.26 -31.86
N THR B 237 -7.02 17.30 -32.05
CA THR B 237 -6.61 18.19 -30.98
C THR B 237 -7.20 19.57 -31.23
N LEU B 238 -7.43 20.32 -30.16
CA LEU B 238 -8.06 21.64 -30.20
C LEU B 238 -7.15 22.67 -29.54
N ASP B 239 -7.04 23.87 -30.10
CA ASP B 239 -6.29 24.88 -29.37
C ASP B 239 -7.22 25.58 -28.37
N GLY B 240 -6.70 26.65 -27.75
CA GLY B 240 -7.48 27.33 -26.73
C GLY B 240 -8.78 27.93 -27.24
N ALA B 241 -8.82 28.30 -28.51
CA ALA B 241 -10.02 28.84 -29.11
C ALA B 241 -10.91 27.78 -29.74
N ARG B 242 -10.67 26.50 -29.41
CA ARG B 242 -11.46 25.37 -29.88
C ARG B 242 -11.33 25.17 -31.39
N ARG B 243 -10.20 25.56 -31.97
CA ARG B 243 -9.93 25.24 -33.37
C ARG B 243 -9.10 23.98 -33.47
N ILE B 244 -9.39 23.17 -34.49
CA ILE B 244 -8.68 21.92 -34.69
C ILE B 244 -7.26 22.22 -35.16
N THR B 245 -6.28 21.68 -34.44
CA THR B 245 -4.88 21.84 -34.82
C THR B 245 -4.26 20.57 -35.39
N SER B 246 -4.96 19.43 -35.32
CA SER B 246 -4.43 18.22 -35.95
C SER B 246 -5.56 17.21 -36.06
N VAL B 247 -5.43 16.33 -37.06
CA VAL B 247 -6.33 15.19 -37.24
C VAL B 247 -5.46 13.95 -37.36
N VAL B 248 -5.72 12.95 -36.52
CA VAL B 248 -5.08 11.64 -36.66
C VAL B 248 -6.16 10.61 -36.95
N ALA B 249 -5.95 9.81 -38.00
CA ALA B 249 -6.89 8.76 -38.35
C ALA B 249 -6.11 7.49 -38.61
N GLY B 250 -6.74 6.36 -38.32
CA GLY B 250 -6.09 5.09 -38.59
C GLY B 250 -6.10 4.13 -37.42
N ASP B 251 -4.96 3.46 -37.20
CA ASP B 251 -4.85 2.45 -36.17
C ASP B 251 -5.16 3.01 -34.79
N MET B 252 -5.88 2.25 -33.96
CA MET B 252 -6.33 2.78 -32.69
C MET B 252 -5.16 3.20 -31.80
N GLU B 253 -4.06 2.44 -31.84
CA GLU B 253 -2.90 2.84 -31.04
C GLU B 253 -1.97 3.78 -31.81
N GLN B 254 -1.66 3.48 -33.07
CA GLN B 254 -0.67 4.28 -33.80
C GLN B 254 -1.15 5.71 -34.02
N ALA B 255 -2.40 5.86 -34.47
CA ALA B 255 -2.91 7.21 -34.70
C ALA B 255 -3.02 7.98 -33.38
N PHE B 256 -3.48 7.32 -32.32
CA PHE B 256 -3.58 7.97 -31.02
C PHE B 256 -2.21 8.44 -30.54
N LEU B 257 -1.20 7.57 -30.64
CA LEU B 257 0.12 7.95 -30.16
C LEU B 257 0.70 9.06 -31.00
N LYS B 258 0.27 9.14 -32.26
CA LYS B 258 0.79 10.17 -33.12
C LYS B 258 0.19 11.51 -32.70
N GLY B 259 -1.10 11.50 -32.39
CA GLY B 259 -1.75 12.70 -31.90
C GLY B 259 -1.22 13.15 -30.55
N VAL B 260 -0.87 12.19 -29.69
CA VAL B 260 -0.30 12.54 -28.39
C VAL B 260 1.08 13.14 -28.56
N ALA B 261 1.87 12.57 -29.48
CA ALA B 261 3.18 13.15 -29.79
C ALA B 261 3.03 14.61 -30.21
N PHE B 262 2.00 14.92 -30.99
CA PHE B 262 1.79 16.31 -31.36
C PHE B 262 1.33 17.13 -30.16
N VAL B 263 0.34 16.64 -29.40
CA VAL B 263 -0.26 17.52 -28.42
C VAL B 263 0.74 17.77 -27.29
N GLU B 264 1.65 16.82 -27.05
CA GLU B 264 2.72 17.03 -26.06
C GLU B 264 3.58 18.24 -26.41
N THR B 265 3.73 18.55 -27.69
CA THR B 265 4.51 19.71 -28.08
C THR B 265 3.80 21.03 -27.87
N VAL B 266 2.49 21.02 -27.58
CA VAL B 266 1.81 22.30 -27.43
C VAL B 266 1.22 22.51 -26.04
N VAL B 267 0.86 21.42 -25.33
CA VAL B 267 0.11 21.63 -24.08
C VAL B 267 0.99 21.89 -22.88
N LYS B 268 2.28 21.55 -22.91
CA LYS B 268 3.14 21.78 -21.76
C LYS B 268 3.48 23.26 -21.63
N ALA B 269 3.32 23.79 -20.42
CA ALA B 269 3.62 25.19 -20.13
C ALA B 269 4.35 25.23 -18.80
N ALA B 270 5.49 25.93 -18.74
CA ALA B 270 6.43 25.76 -17.64
C ALA B 270 6.51 27.00 -16.76
N VAL B 271 6.81 26.75 -15.48
CA VAL B 271 7.18 27.79 -14.53
C VAL B 271 8.57 27.42 -14.02
N PRO B 272 9.32 28.40 -13.51
CA PRO B 272 10.66 28.09 -12.99
C PRO B 272 10.64 27.28 -11.71
N ALA B 273 9.60 27.43 -10.89
CA ALA B 273 9.55 26.86 -9.56
C ALA B 273 8.10 26.79 -9.15
N PRO B 274 7.70 25.83 -8.32
CA PRO B 274 6.31 25.79 -7.84
C PRO B 274 5.95 27.09 -7.16
N VAL B 275 4.68 27.47 -7.28
CA VAL B 275 4.21 28.75 -6.79
C VAL B 275 3.27 28.55 -5.62
N ASP B 276 3.09 29.63 -4.87
CA ASP B 276 2.21 29.69 -3.71
C ASP B 276 0.74 29.64 -4.10
N VAL B 277 0.39 30.29 -5.22
CA VAL B 277 -1.01 30.44 -5.62
C VAL B 277 -1.13 30.11 -7.10
N VAL B 278 -2.01 29.17 -7.44
CA VAL B 278 -2.31 28.83 -8.82
C VAL B 278 -3.77 29.19 -9.08
N VAL B 279 -3.99 30.06 -10.06
CA VAL B 279 -5.34 30.41 -10.50
C VAL B 279 -5.66 29.60 -11.74
N THR B 280 -6.78 28.90 -11.74
CA THR B 280 -7.08 28.05 -12.88
C THR B 280 -8.57 28.04 -13.13
N SER B 281 -8.95 27.25 -14.14
CA SER B 281 -10.33 27.13 -14.58
C SER B 281 -10.66 25.64 -14.71
N SER B 282 -11.89 25.37 -15.12
CA SER B 282 -12.27 24.02 -15.53
C SER B 282 -12.49 23.96 -17.04
N ALA B 283 -11.78 24.80 -17.80
CA ALA B 283 -11.79 24.82 -19.27
C ALA B 283 -13.15 25.23 -19.85
N GLY B 284 -13.99 25.90 -19.07
CA GLY B 284 -15.22 26.48 -19.59
C GLY B 284 -16.22 25.42 -20.06
N HIS B 285 -17.26 25.91 -20.73
CA HIS B 285 -18.26 25.03 -21.30
C HIS B 285 -17.63 24.23 -22.44
N PRO B 286 -17.88 22.92 -22.53
CA PRO B 286 -18.86 22.14 -21.76
C PRO B 286 -18.28 21.37 -20.56
N LEU B 287 -16.96 21.38 -20.37
CA LEU B 287 -16.40 20.57 -19.29
C LEU B 287 -16.85 21.08 -17.92
N ASP B 288 -16.98 22.40 -17.74
CA ASP B 288 -17.23 22.94 -16.40
C ASP B 288 -18.71 22.94 -16.02
N LEU B 289 -19.52 22.09 -16.67
CA LEU B 289 -20.94 21.96 -16.31
C LEU B 289 -21.15 21.47 -14.87
N THR B 290 -20.25 20.62 -14.33
CA THR B 290 -20.46 20.04 -13.01
C THR B 290 -19.21 20.15 -12.16
N PHE B 291 -19.43 20.19 -10.84
CA PHE B 291 -18.32 20.14 -9.89
C PHE B 291 -17.52 18.86 -10.08
N TYR B 292 -18.22 17.76 -10.33
CA TYR B 292 -17.60 16.48 -10.64
C TYR B 292 -16.50 16.62 -11.70
N GLN B 293 -16.80 17.28 -12.82
CA GLN B 293 -15.77 17.48 -13.84
C GLN B 293 -14.75 18.56 -13.45
N ALA B 294 -15.19 19.60 -12.72
CA ALA B 294 -14.34 20.74 -12.40
C ALA B 294 -13.16 20.36 -11.51
N VAL B 295 -13.25 19.22 -10.82
CA VAL B 295 -12.10 18.74 -10.06
C VAL B 295 -10.87 18.55 -10.97
N LYS B 296 -11.08 18.32 -12.27
CA LYS B 296 -9.95 18.22 -13.20
C LYS B 296 -9.09 19.48 -13.20
N GLY B 297 -9.70 20.65 -13.01
CA GLY B 297 -8.89 21.86 -12.94
C GLY B 297 -7.99 21.86 -11.72
N LEU B 298 -8.48 21.26 -10.62
CA LEU B 298 -7.69 21.20 -9.40
C LEU B 298 -6.53 20.21 -9.53
N THR B 299 -6.81 18.99 -10.02
CA THR B 299 -5.71 18.04 -10.21
C THR B 299 -4.71 18.55 -11.23
N GLY B 300 -5.19 19.25 -12.26
CA GLY B 300 -4.29 19.75 -13.29
C GLY B 300 -3.30 20.77 -12.76
N ALA B 301 -3.69 21.52 -11.72
CA ALA B 301 -2.82 22.53 -11.14
C ALA B 301 -1.76 21.96 -10.20
N LEU B 302 -1.98 20.74 -9.70
CA LEU B 302 -1.11 20.20 -8.66
C LEU B 302 0.38 20.23 -8.97
N PRO B 303 0.85 19.95 -10.19
CA PRO B 303 2.31 19.87 -10.41
C PRO B 303 3.04 21.17 -10.16
N ILE B 304 2.38 22.33 -10.18
CA ILE B 304 3.11 23.58 -10.03
C ILE B 304 2.75 24.33 -8.76
N VAL B 305 1.88 23.77 -7.90
CA VAL B 305 1.61 24.42 -6.62
C VAL B 305 2.54 23.87 -5.55
N LYS B 306 3.04 24.75 -4.68
CA LYS B 306 3.81 24.31 -3.54
C LYS B 306 2.93 23.52 -2.58
N PRO B 307 3.47 22.49 -1.94
CA PRO B 307 2.75 21.86 -0.84
C PRO B 307 2.33 22.91 0.17
N GLY B 308 1.05 22.87 0.56
CA GLY B 308 0.50 23.89 1.42
C GLY B 308 0.04 25.15 0.71
N GLY B 309 0.28 25.26 -0.60
CA GLY B 309 -0.20 26.38 -1.38
C GLY B 309 -1.69 26.31 -1.60
N THR B 310 -2.18 27.24 -2.42
CA THR B 310 -3.62 27.38 -2.65
C THR B 310 -3.90 27.36 -4.14
N ILE B 311 -4.91 26.57 -4.54
CA ILE B 311 -5.42 26.59 -5.90
C ILE B 311 -6.73 27.37 -5.89
N VAL B 312 -6.82 28.40 -6.71
CA VAL B 312 -8.04 29.18 -6.89
C VAL B 312 -8.62 28.79 -8.25
N ILE B 313 -9.84 28.26 -8.26
CA ILE B 313 -10.45 27.79 -9.50
C ILE B 313 -11.76 28.53 -9.72
N ALA B 314 -12.00 28.94 -10.98
CA ALA B 314 -13.29 29.48 -11.40
C ALA B 314 -13.92 28.50 -12.36
N ALA B 315 -15.19 28.20 -12.15
CA ALA B 315 -15.91 27.25 -12.98
C ALA B 315 -17.39 27.57 -12.89
N ALA B 316 -18.09 27.54 -14.03
CA ALA B 316 -19.48 28.01 -14.04
C ALA B 316 -20.42 27.04 -13.33
N LEU B 317 -20.18 25.73 -13.46
CA LEU B 317 -21.00 24.72 -12.79
C LEU B 317 -22.48 24.88 -13.15
N ALA B 318 -22.75 25.16 -14.43
CA ALA B 318 -24.13 25.44 -14.85
C ALA B 318 -25.08 24.30 -14.49
N GLU B 319 -24.62 23.07 -14.53
CA GLU B 319 -25.47 21.92 -14.21
C GLU B 319 -25.41 21.51 -12.74
N GLY B 320 -24.58 22.16 -11.94
CA GLY B 320 -24.53 21.82 -10.53
C GLY B 320 -23.42 20.88 -10.12
N LEU B 321 -23.67 20.02 -9.13
CA LEU B 321 -22.62 19.20 -8.55
C LEU B 321 -22.27 17.97 -9.39
N GLY B 322 -23.26 17.35 -10.03
CA GLY B 322 -23.02 16.10 -10.70
C GLY B 322 -24.10 15.09 -10.36
N SER B 323 -23.77 13.82 -10.52
CA SER B 323 -24.76 12.77 -10.42
C SER B 323 -25.31 12.61 -8.99
N PRO B 324 -26.49 12.01 -8.85
CA PRO B 324 -27.01 11.77 -7.50
C PRO B 324 -26.09 10.89 -6.68
N GLU B 325 -25.46 9.89 -7.31
CA GLU B 325 -24.53 9.02 -6.62
C GLU B 325 -23.31 9.81 -6.13
N PHE B 326 -22.77 10.68 -6.98
CA PHE B 326 -21.65 11.52 -6.58
C PHE B 326 -22.04 12.40 -5.38
N GLN B 327 -23.20 13.07 -5.46
CA GLN B 327 -23.61 13.93 -4.35
C GLN B 327 -23.80 13.13 -3.06
N SER B 328 -24.28 11.89 -3.16
CA SER B 328 -24.57 11.08 -1.98
C SER B 328 -23.32 10.79 -1.16
N LEU B 329 -22.14 10.78 -1.80
CA LEU B 329 -20.92 10.45 -1.06
C LEU B 329 -20.52 11.56 -0.09
N PHE B 330 -20.86 12.82 -0.42
CA PHE B 330 -20.57 13.91 0.49
C PHE B 330 -21.43 13.84 1.73
N GLU B 331 -22.69 13.41 1.58
CA GLU B 331 -23.56 13.20 2.72
C GLU B 331 -23.12 12.00 3.54
N GLU B 332 -22.68 10.93 2.87
CA GLU B 332 -22.27 9.70 3.54
C GLU B 332 -20.96 9.85 4.31
N HIS B 333 -20.03 10.66 3.79
CA HIS B 333 -18.71 10.83 4.40
C HIS B 333 -18.41 12.30 4.63
N PRO B 334 -18.58 12.80 5.85
CA PRO B 334 -18.31 14.23 6.11
C PRO B 334 -16.84 14.58 5.98
N THR B 335 -15.93 13.62 6.15
CA THR B 335 -14.51 13.88 6.00
C THR B 335 -13.96 13.13 4.79
N LEU B 336 -12.99 13.76 4.12
CA LEU B 336 -12.30 13.09 3.04
C LEU B 336 -11.53 11.87 3.56
N GLU B 337 -10.96 11.99 4.76
CA GLU B 337 -10.22 10.89 5.37
C GLU B 337 -11.11 9.67 5.59
N GLY B 338 -12.33 9.88 6.12
CA GLY B 338 -13.26 8.78 6.26
C GLY B 338 -13.71 8.20 4.94
N PHE B 339 -13.93 9.07 3.94
CA PHE B 339 -14.27 8.60 2.60
C PHE B 339 -13.16 7.71 2.06
N MET B 340 -11.91 8.18 2.17
CA MET B 340 -10.79 7.39 1.65
C MET B 340 -10.66 6.08 2.39
N GLU B 341 -10.83 6.12 3.72
CA GLU B 341 -10.75 4.87 4.47
CA GLU B 341 -10.79 4.88 4.50
C GLU B 341 -11.79 3.88 3.97
N ALA B 342 -13.01 4.32 3.68
CA ALA B 342 -14.03 3.43 3.14
C ALA B 342 -13.65 2.88 1.77
N ILE B 343 -13.25 3.74 0.82
CA ILE B 343 -13.13 3.21 -0.53
C ILE B 343 -11.88 2.35 -0.67
N LEU B 344 -10.83 2.59 0.13
CA LEU B 344 -9.62 1.79 0.03
C LEU B 344 -9.87 0.33 0.41
N LYS B 345 -10.94 0.06 1.17
CA LYS B 345 -11.30 -1.30 1.54
C LYS B 345 -11.88 -2.10 0.37
N GLU B 346 -12.43 -1.43 -0.64
CA GLU B 346 -13.03 -2.08 -1.80
C GLU B 346 -14.11 -3.07 -1.39
N GLU B 347 -14.81 -2.77 -0.30
CA GLU B 347 -15.94 -3.58 0.15
C GLU B 347 -17.23 -3.16 -0.54
N SER B 348 -17.22 -2.00 -1.18
CA SER B 348 -18.36 -1.49 -1.93
C SER B 348 -17.81 -0.52 -2.95
N PHE B 349 -18.61 -0.29 -3.98
CA PHE B 349 -18.24 0.64 -5.03
C PHE B 349 -19.44 1.50 -5.32
N THR B 350 -19.23 2.81 -5.41
CA THR B 350 -20.29 3.76 -5.71
C THR B 350 -19.92 4.48 -7.00
N VAL B 351 -20.90 4.61 -7.90
CA VAL B 351 -20.67 5.35 -9.14
C VAL B 351 -20.10 6.72 -8.80
N ASP B 352 -19.06 7.12 -9.54
CA ASP B 352 -18.44 8.45 -9.47
C ASP B 352 -17.61 8.67 -8.22
N GLN B 353 -17.39 7.63 -7.39
CA GLN B 353 -16.54 7.80 -6.22
C GLN B 353 -15.12 8.18 -6.60
N TRP B 354 -14.70 7.86 -7.83
CA TRP B 354 -13.33 8.12 -8.24
C TRP B 354 -13.01 9.62 -8.26
N GLN B 355 -13.98 10.50 -8.54
CA GLN B 355 -13.67 11.93 -8.55
CA GLN B 355 -13.67 11.93 -8.55
C GLN B 355 -13.56 12.51 -7.15
N LEU B 356 -14.29 11.98 -6.17
CA LEU B 356 -14.02 12.40 -4.81
C LEU B 356 -12.65 11.92 -4.37
N GLU B 357 -12.21 10.77 -4.87
CA GLU B 357 -10.86 10.31 -4.58
C GLU B 357 -9.82 11.26 -5.19
N GLU B 358 -10.09 11.77 -6.39
CA GLU B 358 -9.18 12.75 -6.98
C GLU B 358 -9.19 14.05 -6.18
N LEU B 359 -10.35 14.46 -5.67
CA LEU B 359 -10.40 15.67 -4.85
C LEU B 359 -9.60 15.47 -3.57
N ALA B 360 -9.61 14.25 -3.01
CA ALA B 360 -8.80 13.98 -1.83
C ALA B 360 -7.31 14.11 -2.14
N LYS B 361 -6.89 13.63 -3.32
CA LYS B 361 -5.51 13.79 -3.77
C LYS B 361 -5.11 15.27 -3.86
N VAL B 362 -6.04 16.14 -4.31
CA VAL B 362 -5.77 17.58 -4.33
C VAL B 362 -5.57 18.11 -2.91
N ARG B 363 -6.52 17.76 -2.01
CA ARG B 363 -6.55 18.38 -0.69
C ARG B 363 -5.44 17.90 0.22
N ARG B 364 -4.82 16.76 -0.09
CA ARG B 364 -3.61 16.35 0.64
C ARG B 364 -2.47 17.31 0.42
N LYS B 365 -2.46 18.01 -0.71
CA LYS B 365 -1.37 18.89 -1.07
C LYS B 365 -1.71 20.37 -0.94
N ALA B 366 -2.94 20.79 -1.23
CA ALA B 366 -3.21 22.21 -1.43
C ALA B 366 -4.58 22.60 -0.86
N ARG B 367 -4.67 23.86 -0.42
CA ARG B 367 -5.95 24.50 -0.16
C ARG B 367 -6.63 24.80 -1.49
N VAL B 368 -7.97 24.85 -1.47
CA VAL B 368 -8.75 25.14 -2.67
C VAL B 368 -9.76 26.24 -2.35
N LYS B 369 -9.69 27.33 -3.11
CA LYS B 369 -10.71 28.37 -3.09
C LYS B 369 -11.48 28.25 -4.39
N PHE B 370 -12.81 28.15 -4.30
CA PHE B 370 -13.66 27.84 -5.44
CA PHE B 370 -13.66 27.83 -5.44
C PHE B 370 -14.60 29.00 -5.73
N VAL B 371 -14.56 29.49 -6.97
CA VAL B 371 -15.34 30.65 -7.39
C VAL B 371 -16.34 30.22 -8.46
N SER B 372 -17.63 30.34 -8.14
CA SER B 372 -18.67 29.89 -9.06
C SER B 372 -19.98 30.61 -8.71
N ASP B 373 -20.79 30.89 -9.72
CA ASP B 373 -22.16 31.29 -9.42
C ASP B 373 -23.16 30.21 -9.85
N GLY B 374 -22.70 28.99 -10.09
CA GLY B 374 -23.59 27.91 -10.50
C GLY B 374 -24.11 27.06 -9.35
N VAL B 375 -23.47 27.16 -8.18
CA VAL B 375 -23.76 26.35 -7.01
C VAL B 375 -23.67 27.29 -5.80
N PRO B 376 -24.62 27.26 -4.87
CA PRO B 376 -24.55 28.19 -3.73
C PRO B 376 -23.33 27.93 -2.86
N ALA B 377 -22.83 29.00 -2.24
CA ALA B 377 -21.68 28.88 -1.35
C ALA B 377 -21.90 27.81 -0.28
N ALA B 378 -23.11 27.74 0.28
CA ALA B 378 -23.39 26.79 1.35
C ALA B 378 -23.26 25.35 0.88
N VAL B 379 -23.52 25.10 -0.40
CA VAL B 379 -23.31 23.77 -0.97
C VAL B 379 -21.83 23.50 -1.19
N LEU B 380 -21.13 24.46 -1.80
CA LEU B 380 -19.70 24.24 -2.10
C LEU B 380 -18.91 24.02 -0.82
N SER B 381 -19.28 24.72 0.26
CA SER B 381 -18.54 24.61 1.51
C SER B 381 -18.63 23.21 2.09
N ARG B 382 -19.58 22.40 1.62
CA ARG B 382 -19.71 21.02 2.05
C ARG B 382 -19.04 20.05 1.08
N CYS B 383 -18.36 20.57 0.06
CA CYS B 383 -17.63 19.77 -0.90
C CYS B 383 -16.13 19.90 -0.72
N HIS B 384 -15.67 20.25 0.48
CA HIS B 384 -14.25 20.24 0.84
C HIS B 384 -13.44 21.25 0.03
N VAL B 385 -14.09 22.35 -0.34
CA VAL B 385 -13.43 23.51 -0.93
C VAL B 385 -13.96 24.73 -0.18
N GLU B 386 -13.21 25.83 -0.27
CA GLU B 386 -13.69 27.07 0.35
C GLU B 386 -14.34 27.94 -0.72
N PRO B 387 -15.65 28.18 -0.69
CA PRO B 387 -16.24 29.12 -1.66
C PRO B 387 -15.76 30.52 -1.36
N VAL B 388 -15.34 31.23 -2.39
CA VAL B 388 -14.95 32.63 -2.29
C VAL B 388 -15.68 33.40 -3.37
N ALA B 389 -16.10 34.63 -3.07
CA ALA B 389 -17.02 35.34 -3.96
C ALA B 389 -16.37 35.69 -5.28
N THR B 390 -15.07 36.03 -5.29
CA THR B 390 -14.40 36.41 -6.53
C THR B 390 -12.99 35.83 -6.55
N VAL B 391 -12.46 35.64 -7.76
CA VAL B 391 -11.07 35.22 -7.92
C VAL B 391 -10.12 36.25 -7.32
N GLU B 392 -10.35 37.54 -7.60
CA GLU B 392 -9.46 38.57 -7.08
CA GLU B 392 -9.49 38.59 -7.07
C GLU B 392 -9.43 38.54 -5.56
N LEU B 393 -10.58 38.31 -4.91
CA LEU B 393 -10.59 38.21 -3.45
C LEU B 393 -9.87 36.95 -2.97
N ALA B 394 -10.15 35.81 -3.62
CA ALA B 394 -9.46 34.57 -3.30
C ALA B 394 -7.95 34.75 -3.37
N VAL B 395 -7.47 35.39 -4.43
CA VAL B 395 -6.04 35.62 -4.59
C VAL B 395 -5.51 36.54 -3.51
N ALA B 396 -6.24 37.62 -3.20
CA ALA B 396 -5.78 38.54 -2.17
C ALA B 396 -5.68 37.83 -0.83
N GLN B 397 -6.66 36.98 -0.50
CA GLN B 397 -6.60 36.22 0.74
C GLN B 397 -5.39 35.31 0.79
N ALA B 398 -5.12 34.60 -0.31
CA ALA B 398 -4.01 33.67 -0.35
C ALA B 398 -2.68 34.40 -0.28
N LEU B 399 -2.54 35.48 -1.04
CA LEU B 399 -1.30 36.26 -0.99
C LEU B 399 -1.06 36.84 0.40
N GLU B 400 -2.12 37.22 1.11
CA GLU B 400 -1.96 37.69 2.48
C GLU B 400 -1.39 36.61 3.38
N GLN B 401 -1.84 35.36 3.19
CA GLN B 401 -1.32 34.25 3.97
C GLN B 401 0.15 34.00 3.64
N TYR B 402 0.51 33.96 2.36
CA TYR B 402 1.83 33.48 1.98
C TYR B 402 2.90 34.57 1.93
N GLY B 403 2.51 35.84 2.01
CA GLY B 403 3.47 36.90 2.24
C GLY B 403 3.97 37.61 1.00
N PRO B 404 4.87 38.58 1.22
CA PRO B 404 5.26 39.48 0.12
C PRO B 404 6.06 38.82 -0.98
N GLU B 405 6.67 37.65 -0.75
CA GLU B 405 7.43 36.98 -1.79
C GLU B 405 6.59 35.94 -2.54
N ALA B 406 5.33 35.78 -2.17
CA ALA B 406 4.48 34.79 -2.81
C ALA B 406 4.18 35.17 -4.25
N ARG B 407 4.13 34.16 -5.13
CA ARG B 407 3.89 34.35 -6.56
C ARG B 407 2.61 33.65 -6.99
N VAL B 408 2.03 34.15 -8.08
CA VAL B 408 0.79 33.62 -8.63
C VAL B 408 1.08 33.09 -10.04
N ALA B 409 0.65 31.87 -10.33
CA ALA B 409 0.57 31.40 -11.71
C ALA B 409 -0.88 31.32 -12.11
N VAL B 410 -1.16 31.58 -13.38
CA VAL B 410 -2.55 31.54 -13.88
C VAL B 410 -2.60 30.66 -15.12
N ILE B 411 -3.62 29.81 -15.16
CA ILE B 411 -3.82 28.85 -16.26
C ILE B 411 -5.21 29.05 -16.86
N PRO B 412 -5.37 29.97 -17.82
CA PRO B 412 -6.74 30.31 -18.26
C PRO B 412 -7.53 29.14 -18.82
N LYS B 413 -6.90 28.19 -19.51
CA LYS B 413 -7.58 27.02 -20.08
CA LYS B 413 -7.60 27.04 -20.07
C LYS B 413 -7.56 25.81 -19.15
N GLY B 414 -7.09 25.98 -17.91
CA GLY B 414 -7.18 24.93 -16.91
C GLY B 414 -6.65 23.58 -17.33
N PRO B 415 -7.50 22.55 -17.23
CA PRO B 415 -7.01 21.19 -17.46
C PRO B 415 -6.68 20.87 -18.91
N TYR B 416 -6.92 21.79 -19.84
CA TYR B 416 -6.46 21.59 -21.20
C TYR B 416 -5.00 22.02 -21.38
N VAL B 417 -4.38 22.51 -20.31
CA VAL B 417 -2.95 22.81 -20.27
C VAL B 417 -2.28 21.78 -19.37
N LEU B 418 -1.00 21.52 -19.62
CA LEU B 418 -0.16 20.64 -18.80
C LEU B 418 0.92 21.46 -18.14
N PRO B 419 0.66 22.05 -16.97
CA PRO B 419 1.70 22.90 -16.34
C PRO B 419 2.79 22.04 -15.71
N VAL B 420 4.04 22.47 -15.86
CA VAL B 420 5.18 21.73 -15.34
C VAL B 420 6.19 22.71 -14.76
N VAL B 421 7.05 22.20 -13.89
CA VAL B 421 8.17 22.96 -13.35
C VAL B 421 9.39 22.66 -14.19
N ASP B 422 10.04 23.71 -14.70
CA ASP B 422 11.29 23.58 -15.45
C ASP B 422 12.35 24.41 -14.75
N PRO B 423 13.20 23.82 -13.91
CA PRO B 423 14.15 24.62 -13.13
C PRO B 423 15.10 25.46 -13.95
N THR B 424 15.32 25.13 -15.23
CA THR B 424 16.25 25.88 -16.07
C THR B 424 15.70 27.26 -16.41
C2 4EY C . 14.47 -9.09 19.91
C3 4EY C . 15.18 -9.37 21.08
C1 4EY C . 18.66 -9.06 19.89
C4 4EY C . 16.57 -9.36 21.03
C5 4EY C . 17.21 -9.10 19.84
C6 4EY C . 16.45 -8.81 18.70
O2 4EY C . 19.36 -8.91 18.91
O2P 4EY C . 9.79 -10.42 18.44
P 4EY C . 10.28 -9.62 19.71
O3P 4EY C . 10.92 -10.54 20.69
O1P 4EY C . 9.09 -8.76 20.33
O5R 4EY C . 11.48 -8.62 19.22
C5R 4EY C . 11.16 -7.54 18.35
C4R 4EY C . 12.25 -7.49 17.28
O4R 4EY C . 13.55 -7.33 17.90
C3R 4EY C . 12.31 -8.78 16.41
O3R 4EY C . 12.65 -8.41 15.05
C2R 4EY C . 13.41 -9.61 17.08
O2R 4EY C . 14.06 -10.47 16.15
C1R 4EY C . 14.37 -8.50 17.57
N1 4EY C . 15.12 -8.85 18.78
C7 4EY C . 14.56 -9.66 22.37
S7 4EY C . 15.51 -9.64 23.67
S2 4EY C . 19.29 -9.10 21.54
C1 PGE D . -9.40 -14.03 20.19
O1 PGE D . -10.66 -13.47 19.86
C2 PGE D . -8.96 -13.52 21.55
O2 PGE D . -8.60 -12.15 21.49
C3 PGE D . -7.62 -11.81 22.47
C4 PGE D . -7.70 -10.34 22.83
O4 PGE D . -10.01 -7.06 23.10
C6 PGE D . -9.63 -7.45 21.80
C5 PGE D . -8.39 -8.33 21.86
O3 PGE D . -8.72 -9.67 22.13
C1 PEG E . -1.42 -1.73 0.65
O1 PEG E . -0.47 -2.24 -0.23
C2 PEG E . -1.18 -0.24 0.81
O2 PEG E . -2.20 0.45 0.14
C3 PEG E . -2.29 1.79 0.51
C4 PEG E . -2.98 2.56 -0.61
O4 PEG E . -2.00 3.11 -1.45
CA VAD F . 17.48 -12.52 20.75
CB VAD F . 17.80 -13.75 21.61
CG1 VAD F . 18.04 -15.01 20.77
CG2 VAD F . 18.97 -13.48 22.56
C VAD F . 16.13 -12.78 20.10
O VAD F . 15.12 -12.98 20.81
OXT VAD F . 16.03 -12.79 18.85
OE VAD F . 18.43 -12.31 19.74
C1 PEG G . 0.81 -11.71 33.32
O1 PEG G . 0.63 -10.39 32.87
C2 PEG G . 2.26 -12.15 33.08
O2 PEG G . 2.57 -13.25 33.88
C3 PEG G . 2.89 -12.97 35.22
C4 PEG G . 4.34 -12.50 35.30
O4 PEG G . 4.96 -12.62 36.55
NI NI H . 17.45 -9.37 22.71
C2 4EY I . -14.41 9.06 -20.12
C3 4EY I . -13.76 8.73 -18.92
C1 4EY I . -16.66 8.04 -16.72
C4 4EY I . -14.53 8.40 -17.83
C5 4EY I . -15.91 8.42 -17.91
C6 4EY I . -16.50 8.77 -19.11
O2 4EY I . -17.87 8.14 -16.62
O2P 4EY I . -11.26 9.91 -24.44
P 4EY I . -12.27 10.59 -23.41
O3P 4EY I . -12.87 11.82 -24.00
O1P 4EY I . -11.56 10.90 -22.02
O5R 4EY I . -13.48 9.59 -23.05
C5R 4EY I . -14.29 9.05 -24.11
C4R 4EY I . -15.75 9.12 -23.66
O4R 4EY I . -15.94 8.45 -22.39
C3R 4EY I . -16.22 10.59 -23.47
O3R 4EY I . -17.58 10.72 -23.89
C2R 4EY I . -16.12 10.79 -21.94
O2R 4EY I . -17.07 11.74 -21.50
C1R 4EY I . -16.45 9.39 -21.40
N1 4EY I . -15.76 9.08 -20.16
C7 4EY I . -12.31 8.67 -18.74
S7 4EY I . -11.72 7.90 -17.45
S2 4EY I . -15.66 7.33 -15.47
CA VAD J . -14.54 11.17 -15.93
CB VAD J . -13.75 11.87 -14.83
CG1 VAD J . -14.39 13.19 -14.42
CG2 VAD J . -13.64 10.94 -13.64
C VAD J . -14.33 11.95 -17.22
O VAD J . -13.18 12.07 -17.67
OXT VAD J . -15.33 12.46 -17.78
OE VAD J . -15.92 11.12 -15.68
NI NI K . -13.63 7.54 -16.37
#